data_9G3S
#
_entry.id   9G3S
#
_cell.length_a   74.488
_cell.length_b   96.951
_cell.length_c   128.680
_cell.angle_alpha   90.000
_cell.angle_beta   90.000
_cell.angle_gamma   90.000
#
_symmetry.space_group_name_H-M   'P 21 21 21'
#
loop_
_entity.id
_entity.type
_entity.pdbx_description
1 polymer 'Fucose-binding lectin PA-IIL'
2 branched alpha-L-fucopyranose-(1-1)-1-thio-beta-D-galactopyranose
3 branched 1-thio-beta-D-galactopyranose-(1-1)-alpha-L-fucopyranose
4 non-polymer 'CALCIUM ION'
5 non-polymer 'SULFATE ION'
6 water water
#
_entity_poly.entity_id   1
_entity_poly.type   'polypeptide(L)'
_entity_poly.pdbx_seq_one_letter_code
;ATQGVFTLPANTRFGVTAFANSSGTQTVNVLVNNETAATFSGQSTNNAVIGTQVLNSGSSGKVQVQVSVNGRPSDLVSAQ
VILTNELNFALVGSEDGTDNDYNDAVVVINWPLG
;
_entity_poly.pdbx_strand_id   A,B,C,D,E,F,G,H
#
# COMPACT_ATOMS: atom_id res chain seq x y z
N ALA A 1 21.26 33.97 -4.02
CA ALA A 1 21.18 32.94 -2.96
C ALA A 1 22.33 31.93 -3.13
N THR A 2 22.81 31.38 -2.01
CA THR A 2 23.83 30.35 -2.01
C THR A 2 23.28 29.13 -2.72
N GLN A 3 24.12 28.53 -3.58
CA GLN A 3 23.78 27.33 -4.33
C GLN A 3 24.90 26.29 -4.12
N GLY A 4 24.53 25.01 -4.17
CA GLY A 4 25.50 23.92 -4.15
C GLY A 4 25.96 23.53 -2.75
N VAL A 5 25.27 24.04 -1.72
CA VAL A 5 25.46 23.72 -0.31
C VAL A 5 24.26 22.93 0.25
N PHE A 6 24.55 21.78 0.88
CA PHE A 6 23.49 20.95 1.42
C PHE A 6 23.85 20.47 2.82
N THR A 7 22.87 20.44 3.73
CA THR A 7 23.05 19.85 5.05
C THR A 7 22.52 18.43 4.98
N LEU A 8 23.40 17.45 5.06
CA LEU A 8 22.96 16.06 5.08
C LEU A 8 22.82 15.64 6.55
N PRO A 9 22.16 14.50 6.84
CA PRO A 9 22.26 13.93 8.18
C PRO A 9 23.73 13.66 8.48
N ALA A 10 24.13 13.89 9.73
CA ALA A 10 25.50 13.66 10.17
C ALA A 10 25.86 12.18 10.01
N ASN A 11 27.15 11.94 9.77
CA ASN A 11 27.71 10.59 9.77
C ASN A 11 26.96 9.67 8.82
N THR A 12 26.67 10.15 7.60
CA THR A 12 25.91 9.37 6.65
C THR A 12 26.73 9.22 5.37
N ARG A 13 26.77 7.99 4.83
CA ARG A 13 27.42 7.75 3.56
C ARG A 13 26.53 8.30 2.46
N PHE A 14 27.17 8.91 1.45
CA PHE A 14 26.44 9.43 0.30
C PHE A 14 27.26 9.23 -0.97
N GLY A 15 26.53 9.08 -2.07
CA GLY A 15 27.11 8.97 -3.40
C GLY A 15 27.19 10.37 -4.01
N VAL A 16 28.27 10.61 -4.74
CA VAL A 16 28.42 11.83 -5.51
C VAL A 16 28.98 11.45 -6.88
N THR A 17 28.23 11.87 -7.92
CA THR A 17 28.53 11.53 -9.31
C THR A 17 28.43 12.80 -10.13
N ALA A 18 29.43 13.04 -11.01
CA ALA A 18 29.46 14.20 -11.90
C ALA A 18 29.52 13.79 -13.37
N PHE A 19 28.75 14.54 -14.17
CA PHE A 19 28.64 14.41 -15.60
C PHE A 19 29.14 15.69 -16.28
N ALA A 20 29.77 15.56 -17.46
CA ALA A 20 30.22 16.71 -18.23
C ALA A 20 29.44 16.87 -19.53
N ASN A 21 29.09 18.14 -19.87
CA ASN A 21 28.49 18.53 -21.14
C ASN A 21 29.01 19.90 -21.59
N SER A 22 30.25 19.95 -22.09
CA SER A 22 30.92 21.20 -22.43
C SER A 22 32.24 20.90 -23.15
N SER A 23 32.66 21.83 -24.02
N SER A 23 32.69 21.84 -23.99
CA SER A 23 33.97 21.78 -24.65
CA SER A 23 33.99 21.70 -24.65
C SER A 23 35.06 21.89 -23.59
C SER A 23 35.11 22.08 -23.68
N GLY A 24 34.77 22.65 -22.52
CA GLY A 24 35.75 22.92 -21.49
C GLY A 24 35.92 21.75 -20.52
N THR A 25 37.15 21.51 -20.07
CA THR A 25 37.40 20.58 -18.99
C THR A 25 36.72 21.09 -17.73
N GLN A 26 35.86 20.24 -17.11
CA GLN A 26 35.21 20.58 -15.86
C GLN A 26 35.98 20.03 -14.68
N THR A 27 36.14 20.85 -13.63
CA THR A 27 36.69 20.42 -12.34
C THR A 27 35.62 20.55 -11.27
N VAL A 28 35.23 19.40 -10.71
CA VAL A 28 34.27 19.38 -9.62
C VAL A 28 34.98 19.10 -8.31
N ASN A 29 34.71 19.96 -7.33
CA ASN A 29 35.26 19.78 -6.00
C ASN A 29 34.10 19.55 -5.05
N VAL A 30 34.22 18.50 -4.24
CA VAL A 30 33.23 18.25 -3.21
C VAL A 30 33.89 18.48 -1.84
N LEU A 31 33.32 19.42 -1.06
CA LEU A 31 33.78 19.72 0.28
C LEU A 31 32.83 19.08 1.30
N VAL A 32 33.44 18.51 2.35
CA VAL A 32 32.70 18.08 3.51
C VAL A 32 33.27 18.81 4.72
N ASN A 33 32.38 19.47 5.48
CA ASN A 33 32.79 20.28 6.63
C ASN A 33 33.89 21.25 6.21
N ASN A 34 33.75 21.84 5.01
CA ASN A 34 34.63 22.87 4.49
C ASN A 34 36.03 22.36 4.15
N GLU A 35 36.21 21.05 4.00
CA GLU A 35 37.50 20.48 3.61
C GLU A 35 37.27 19.62 2.38
N THR A 36 38.20 19.69 1.41
CA THR A 36 38.10 18.95 0.16
C THR A 36 38.05 17.45 0.44
N ALA A 37 37.04 16.77 -0.10
CA ALA A 37 36.87 15.34 0.13
C ALA A 37 36.99 14.56 -1.17
N ALA A 38 36.73 15.22 -2.32
CA ALA A 38 36.84 14.58 -3.63
C ALA A 38 37.03 15.65 -4.70
N THR A 39 37.77 15.31 -5.76
CA THR A 39 37.99 16.17 -6.93
C THR A 39 37.83 15.33 -8.20
N PHE A 40 36.92 15.75 -9.07
CA PHE A 40 36.74 15.08 -10.35
C PHE A 40 37.10 16.06 -11.44
N SER A 41 37.75 15.56 -12.49
CA SER A 41 38.03 16.40 -13.65
C SER A 41 37.82 15.61 -14.92
N GLY A 42 37.29 16.29 -15.93
CA GLY A 42 37.03 15.60 -17.18
C GLY A 42 36.40 16.53 -18.20
N GLN A 43 36.32 16.03 -19.44
CA GLN A 43 35.74 16.80 -20.50
C GLN A 43 34.92 15.86 -21.38
N SER A 44 33.68 16.25 -21.66
CA SER A 44 32.80 15.50 -22.52
C SER A 44 31.73 16.45 -22.99
N THR A 45 31.20 16.26 -24.20
CA THR A 45 29.94 16.87 -24.59
C THR A 45 28.86 15.78 -24.71
N ASN A 46 29.06 14.63 -24.09
CA ASN A 46 28.07 13.57 -24.20
C ASN A 46 27.74 12.96 -22.84
N ASN A 47 27.76 13.77 -21.77
CA ASN A 47 27.26 13.38 -20.46
C ASN A 47 28.10 12.27 -19.85
N ALA A 48 29.39 12.17 -20.20
CA ALA A 48 30.29 11.20 -19.59
C ALA A 48 30.40 11.45 -18.08
N VAL A 49 30.44 10.36 -17.32
CA VAL A 49 30.64 10.38 -15.90
C VAL A 49 32.11 10.73 -15.73
N ILE A 50 32.40 11.90 -15.18
CA ILE A 50 33.80 12.27 -15.00
C ILE A 50 34.30 11.87 -13.62
N GLY A 51 33.40 11.42 -12.74
CA GLY A 51 33.78 10.88 -11.45
C GLY A 51 32.54 10.39 -10.67
N THR A 52 32.77 9.38 -9.83
CA THR A 52 31.76 8.92 -8.89
C THR A 52 32.47 8.34 -7.67
N GLN A 53 32.02 8.72 -6.46
CA GLN A 53 32.61 8.32 -5.20
C GLN A 53 31.56 8.15 -4.11
N VAL A 54 31.90 7.40 -3.06
CA VAL A 54 31.11 7.33 -1.86
C VAL A 54 31.90 8.10 -0.82
N LEU A 55 31.23 8.99 -0.10
CA LEU A 55 31.83 9.81 0.95
C LEU A 55 31.01 9.69 2.23
N ASN A 56 31.53 10.22 3.32
CA ASN A 56 30.76 10.31 4.55
C ASN A 56 30.52 11.77 4.89
N SER A 57 29.29 12.10 5.31
CA SER A 57 28.92 13.49 5.61
C SER A 57 29.56 13.98 6.90
N GLY A 58 30.10 13.07 7.72
CA GLY A 58 30.86 13.44 8.91
C GLY A 58 29.97 14.08 9.98
N SER A 59 30.59 14.77 10.93
CA SER A 59 29.84 15.25 12.08
C SER A 59 28.99 16.49 11.76
N SER A 60 29.40 17.30 10.76
CA SER A 60 28.67 18.55 10.43
C SER A 60 27.50 18.24 9.50
N GLY A 61 27.67 17.24 8.64
CA GLY A 61 26.71 16.98 7.57
C GLY A 61 26.75 18.05 6.46
N LYS A 62 27.72 18.96 6.51
CA LYS A 62 27.78 20.07 5.57
C LYS A 62 28.56 19.67 4.32
N VAL A 63 27.84 19.58 3.20
CA VAL A 63 28.44 19.20 1.94
C VAL A 63 28.31 20.35 0.95
N GLN A 64 29.41 20.69 0.26
CA GLN A 64 29.39 21.78 -0.71
C GLN A 64 30.00 21.33 -2.04
N VAL A 65 29.36 21.70 -3.15
CA VAL A 65 29.85 21.35 -4.47
C VAL A 65 30.30 22.64 -5.12
N GLN A 66 31.53 22.62 -5.67
CA GLN A 66 32.07 23.71 -6.44
C GLN A 66 32.43 23.22 -7.84
N VAL A 67 32.30 24.08 -8.83
CA VAL A 67 32.64 23.74 -10.19
C VAL A 67 33.44 24.90 -10.78
N SER A 68 34.52 24.55 -11.47
CA SER A 68 35.33 25.56 -12.12
C SER A 68 35.82 25.00 -13.45
N VAL A 69 36.09 25.91 -14.38
CA VAL A 69 36.63 25.56 -15.68
C VAL A 69 37.87 26.42 -15.87
N ASN A 70 39.02 25.76 -16.08
N ASN A 70 39.02 25.75 -15.97
CA ASN A 70 40.31 26.42 -16.14
CA ASN A 70 40.28 26.44 -16.15
C ASN A 70 40.40 27.51 -15.08
C ASN A 70 40.45 27.49 -15.06
N GLY A 71 39.93 27.19 -13.86
CA GLY A 71 40.11 28.08 -12.70
C GLY A 71 38.93 29.00 -12.41
N ARG A 72 38.04 29.20 -13.39
CA ARG A 72 36.94 30.15 -13.23
C ARG A 72 35.71 29.48 -12.61
N PRO A 73 35.20 29.98 -11.48
CA PRO A 73 33.99 29.42 -10.85
C PRO A 73 32.82 29.50 -11.81
N SER A 74 32.15 28.36 -12.00
CA SER A 74 30.95 28.33 -12.79
C SER A 74 29.79 28.84 -11.96
N ASP A 75 28.72 29.27 -12.62
CA ASP A 75 27.53 29.68 -11.89
C ASP A 75 26.70 28.42 -11.58
N LEU A 76 26.31 28.26 -10.31
CA LEU A 76 25.63 27.06 -9.87
C LEU A 76 24.12 27.24 -9.71
N VAL A 77 23.38 26.16 -9.95
CA VAL A 77 22.01 26.06 -9.49
CA VAL A 77 22.00 26.05 -9.50
C VAL A 77 21.86 24.72 -8.78
N SER A 78 20.95 24.68 -7.79
CA SER A 78 20.85 23.50 -6.94
C SER A 78 19.49 23.38 -6.25
N ALA A 79 19.18 22.15 -5.84
CA ALA A 79 18.03 21.90 -4.97
C ALA A 79 18.18 20.51 -4.36
N GLN A 80 17.45 20.27 -3.27
CA GLN A 80 17.30 18.93 -2.73
C GLN A 80 15.87 18.44 -2.92
N VAL A 81 15.70 17.15 -3.21
CA VAL A 81 14.37 16.55 -3.35
C VAL A 81 14.34 15.24 -2.55
N ILE A 82 13.25 15.00 -1.82
CA ILE A 82 13.08 13.80 -1.02
C ILE A 82 11.82 13.07 -1.48
N LEU A 83 11.99 11.79 -1.82
CA LEU A 83 10.89 10.92 -2.25
C LEU A 83 10.51 9.94 -1.13
N THR A 84 9.20 9.66 -1.01
CA THR A 84 8.62 8.86 0.07
C THR A 84 9.32 9.09 1.41
N ASN A 85 9.62 10.35 1.74
CA ASN A 85 10.15 10.78 3.03
C ASN A 85 11.44 10.07 3.43
N GLU A 86 12.19 9.55 2.44
CA GLU A 86 13.27 8.61 2.71
C GLU A 86 14.45 8.82 1.76
N LEU A 87 14.19 8.84 0.45
CA LEU A 87 15.23 8.87 -0.58
C LEU A 87 15.56 10.30 -0.95
N ASN A 88 16.84 10.67 -0.81
CA ASN A 88 17.31 12.05 -0.90
C ASN A 88 18.17 12.20 -2.16
N PHE A 89 17.92 13.29 -2.89
CA PHE A 89 18.79 13.72 -3.96
C PHE A 89 19.17 15.17 -3.76
N ALA A 90 20.48 15.48 -3.85
CA ALA A 90 20.93 16.85 -3.97
C ALA A 90 21.52 17.02 -5.37
N LEU A 91 21.00 18.03 -6.10
CA LEU A 91 21.25 18.18 -7.50
C LEU A 91 21.95 19.52 -7.73
N VAL A 92 22.97 19.52 -8.59
CA VAL A 92 23.67 20.74 -8.97
C VAL A 92 23.83 20.76 -10.49
N GLY A 93 23.51 21.93 -11.05
CA GLY A 93 23.89 22.29 -12.41
C GLY A 93 24.85 23.46 -12.36
N SER A 94 25.54 23.64 -13.47
CA SER A 94 26.57 24.66 -13.56
C SER A 94 26.70 25.16 -15.00
N GLU A 95 26.99 26.47 -15.13
CA GLU A 95 27.15 27.14 -16.40
C GLU A 95 28.54 27.79 -16.45
N ASP A 96 29.32 27.44 -17.48
CA ASP A 96 30.64 27.98 -17.71
C ASP A 96 30.69 29.09 -18.78
N GLY A 97 29.57 29.40 -19.43
CA GLY A 97 29.58 30.25 -20.62
C GLY A 97 28.35 31.15 -20.67
N THR A 98 27.72 31.25 -21.86
CA THR A 98 26.69 32.24 -22.12
C THR A 98 25.38 31.59 -22.54
N ASP A 99 25.38 30.30 -22.88
CA ASP A 99 24.19 29.69 -23.44
C ASP A 99 23.14 29.31 -22.39
N ASN A 100 23.53 29.27 -21.11
CA ASN A 100 22.63 28.97 -20.01
C ASN A 100 21.88 27.65 -20.19
N ASP A 101 22.59 26.59 -20.57
CA ASP A 101 22.05 25.22 -20.52
C ASP A 101 22.25 24.63 -19.12
N TYR A 102 23.18 25.19 -18.32
CA TYR A 102 23.38 24.81 -16.93
C TYR A 102 23.73 23.32 -16.78
N ASN A 103 24.26 22.70 -17.84
CA ASN A 103 24.54 21.26 -17.80
C ASN A 103 26.05 21.01 -17.92
N ASP A 104 26.85 22.07 -17.78
CA ASP A 104 28.25 21.97 -18.21
C ASP A 104 28.99 20.96 -17.35
N ALA A 105 28.82 21.09 -16.03
CA ALA A 105 28.97 19.98 -15.09
C ALA A 105 27.64 19.80 -14.37
N VAL A 106 27.22 18.54 -14.29
CA VAL A 106 26.02 18.17 -13.54
C VAL A 106 26.46 17.22 -12.44
N VAL A 107 26.04 17.51 -11.20
CA VAL A 107 26.43 16.74 -10.03
C VAL A 107 25.17 16.23 -9.34
N VAL A 108 25.17 14.93 -9.06
CA VAL A 108 24.08 14.31 -8.33
C VAL A 108 24.66 13.67 -7.07
N ILE A 109 24.08 14.03 -5.93
CA ILE A 109 24.34 13.43 -4.62
C ILE A 109 23.11 12.65 -4.16
N ASN A 110 23.31 11.41 -3.71
CA ASN A 110 22.17 10.57 -3.32
C ASN A 110 22.48 9.89 -2.01
N TRP A 111 21.45 9.77 -1.17
CA TRP A 111 21.51 9.00 0.07
C TRP A 111 20.08 8.57 0.46
N PRO A 112 19.91 7.53 1.31
CA PRO A 112 21.02 6.76 1.89
C PRO A 112 21.56 5.73 0.89
N LEU A 113 22.72 5.14 1.19
CA LEU A 113 23.28 4.06 0.40
C LEU A 113 23.07 2.71 1.10
N GLY A 114 23.46 1.59 0.47
CA GLY A 114 23.50 0.27 1.11
C GLY A 114 22.24 -0.58 0.88
N ALA B 1 -0.33 5.82 -7.60
CA ALA B 1 -0.09 6.64 -8.81
C ALA B 1 1.04 5.98 -9.61
N THR B 2 0.99 6.07 -10.94
CA THR B 2 2.07 5.56 -11.78
C THR B 2 3.37 6.31 -11.43
N GLN B 3 4.48 5.58 -11.43
CA GLN B 3 5.78 6.14 -11.07
C GLN B 3 6.76 5.67 -12.15
N GLY B 4 7.79 6.48 -12.43
CA GLY B 4 8.86 6.07 -13.33
C GLY B 4 8.57 6.36 -14.80
N VAL B 5 7.49 7.11 -15.05
CA VAL B 5 7.12 7.53 -16.39
C VAL B 5 7.30 9.05 -16.54
N PHE B 6 7.95 9.45 -17.63
CA PHE B 6 8.22 10.87 -17.85
C PHE B 6 8.02 11.22 -19.32
N THR B 7 7.41 12.39 -19.55
CA THR B 7 7.28 12.96 -20.88
C THR B 7 8.40 13.98 -21.08
N LEU B 8 9.38 13.61 -21.91
CA LEU B 8 10.45 14.50 -22.33
C LEU B 8 10.01 15.31 -23.54
N PRO B 9 10.67 16.45 -23.82
CA PRO B 9 10.51 17.10 -25.11
C PRO B 9 10.90 16.08 -26.19
N ALA B 10 10.19 16.15 -27.31
CA ALA B 10 10.37 15.20 -28.40
C ALA B 10 11.77 15.35 -29.00
N ASN B 11 12.35 14.25 -29.49
CA ASN B 11 13.57 14.30 -30.27
C ASN B 11 14.71 14.98 -29.50
N THR B 12 14.80 14.69 -28.22
CA THR B 12 15.86 15.27 -27.40
C THR B 12 16.79 14.17 -26.91
N ARG B 13 18.09 14.46 -26.94
CA ARG B 13 19.06 13.58 -26.33
C ARG B 13 18.97 13.71 -24.81
N PHE B 14 19.07 12.58 -24.12
CA PHE B 14 19.08 12.59 -22.68
C PHE B 14 20.01 11.51 -22.18
N GLY B 15 20.52 11.72 -20.96
CA GLY B 15 21.34 10.76 -20.26
C GLY B 15 20.53 9.92 -19.25
N VAL B 16 20.85 8.63 -19.18
CA VAL B 16 20.27 7.80 -18.13
C VAL B 16 21.39 7.02 -17.45
N THR B 17 21.39 7.09 -16.11
CA THR B 17 22.40 6.44 -15.28
C THR B 17 21.72 5.68 -14.15
N ALA B 18 22.23 4.49 -13.82
CA ALA B 18 21.65 3.71 -12.73
C ALA B 18 22.73 3.31 -11.74
N PHE B 19 22.33 3.32 -10.47
CA PHE B 19 23.11 2.91 -9.34
C PHE B 19 22.40 1.77 -8.61
N ALA B 20 23.19 0.92 -7.94
CA ALA B 20 22.63 -0.20 -7.19
C ALA B 20 23.05 -0.10 -5.72
N ASN B 21 22.12 -0.47 -4.81
CA ASN B 21 22.36 -0.51 -3.38
C ASN B 21 21.53 -1.64 -2.76
N SER B 22 21.91 -2.89 -3.12
CA SER B 22 21.18 -4.08 -2.73
C SER B 22 22.07 -5.33 -2.86
N SER B 23 21.82 -6.38 -2.04
CA SER B 23 22.50 -7.66 -2.25
C SER B 23 21.95 -8.38 -3.48
N GLY B 24 20.76 -8.01 -3.97
CA GLY B 24 20.22 -8.59 -5.19
C GLY B 24 20.68 -7.88 -6.47
N THR B 25 20.76 -8.66 -7.55
CA THR B 25 21.07 -8.12 -8.88
C THR B 25 19.89 -7.30 -9.41
N GLN B 26 20.15 -6.03 -9.77
CA GLN B 26 19.10 -5.15 -10.26
C GLN B 26 19.08 -5.20 -11.76
N THR B 27 17.89 -5.32 -12.34
CA THR B 27 17.73 -5.14 -13.77
C THR B 27 16.90 -3.88 -14.01
N VAL B 28 17.50 -2.91 -14.70
CA VAL B 28 16.84 -1.68 -15.05
C VAL B 28 16.59 -1.63 -16.55
N ASN B 29 15.29 -1.51 -16.90
CA ASN B 29 14.88 -1.28 -18.28
C ASN B 29 14.42 0.15 -18.47
N VAL B 30 14.89 0.76 -19.55
CA VAL B 30 14.43 2.05 -19.97
C VAL B 30 13.69 1.86 -21.29
N LEU B 31 12.39 2.17 -21.28
CA LEU B 31 11.58 2.14 -22.48
C LEU B 31 11.45 3.55 -23.03
N VAL B 32 11.53 3.64 -24.37
CA VAL B 32 11.23 4.85 -25.09
C VAL B 32 10.10 4.51 -26.04
N ASN B 33 8.97 5.24 -25.91
CA ASN B 33 7.79 4.95 -26.71
C ASN B 33 7.44 3.47 -26.59
N ASN B 34 7.56 2.92 -25.38
CA ASN B 34 7.13 1.56 -25.06
C ASN B 34 8.03 0.49 -25.71
N GLU B 35 9.24 0.84 -26.14
CA GLU B 35 10.18 -0.15 -26.64
C GLU B 35 11.48 -0.04 -25.84
N THR B 36 12.07 -1.18 -25.46
CA THR B 36 13.26 -1.18 -24.62
C THR B 36 14.41 -0.51 -25.35
N ALA B 37 14.96 0.53 -24.70
CA ALA B 37 15.98 1.38 -25.28
C ALA B 37 17.32 1.19 -24.57
N ALA B 38 17.30 0.78 -23.31
CA ALA B 38 18.49 0.45 -22.55
C ALA B 38 18.10 -0.57 -21.50
N THR B 39 19.04 -1.47 -21.21
CA THR B 39 18.91 -2.44 -20.13
C THR B 39 20.25 -2.47 -19.41
N PHE B 40 20.20 -2.24 -18.10
CA PHE B 40 21.36 -2.29 -17.25
C PHE B 40 21.11 -3.36 -16.21
N SER B 41 22.14 -4.13 -15.93
CA SER B 41 22.06 -5.18 -14.95
C SER B 41 23.35 -5.16 -14.15
N GLY B 42 23.24 -5.21 -12.82
CA GLY B 42 24.42 -5.34 -11.99
C GLY B 42 24.05 -5.41 -10.52
N GLN B 43 25.07 -5.61 -9.69
CA GLN B 43 24.90 -5.78 -8.25
C GLN B 43 25.96 -5.01 -7.49
N SER B 44 25.52 -4.24 -6.49
CA SER B 44 26.38 -3.48 -5.59
C SER B 44 25.59 -3.11 -4.34
N THR B 45 26.29 -3.00 -3.20
CA THR B 45 25.77 -2.38 -2.00
C THR B 45 26.50 -1.07 -1.71
N ASN B 46 27.18 -0.52 -2.72
CA ASN B 46 28.02 0.66 -2.51
C ASN B 46 27.74 1.71 -3.60
N ASN B 47 26.51 1.72 -4.15
CA ASN B 47 26.12 2.77 -5.08
C ASN B 47 26.95 2.73 -6.36
N ALA B 48 27.37 1.54 -6.82
CA ALA B 48 28.11 1.43 -8.06
C ALA B 48 27.22 1.79 -9.23
N VAL B 49 27.79 2.44 -10.24
CA VAL B 49 27.08 2.64 -11.49
C VAL B 49 26.95 1.30 -12.19
N ILE B 50 25.72 0.90 -12.54
CA ILE B 50 25.55 -0.38 -13.21
C ILE B 50 25.28 -0.17 -14.69
N GLY B 51 25.10 1.08 -15.14
CA GLY B 51 25.00 1.41 -16.55
C GLY B 51 24.75 2.91 -16.73
N THR B 52 25.12 3.42 -17.90
CA THR B 52 24.87 4.81 -18.29
C THR B 52 24.79 4.81 -19.81
N GLN B 53 23.89 5.61 -20.38
CA GLN B 53 23.73 5.63 -21.82
C GLN B 53 23.18 7.00 -22.22
N VAL B 54 23.45 7.39 -23.47
CA VAL B 54 22.79 8.51 -24.09
C VAL B 54 21.70 7.93 -25.00
N LEU B 55 20.49 8.48 -24.91
CA LEU B 55 19.36 8.09 -25.74
C LEU B 55 18.73 9.32 -26.34
N ASN B 56 17.81 9.08 -27.29
CA ASN B 56 16.97 10.09 -27.90
C ASN B 56 15.53 9.77 -27.53
N SER B 57 14.77 10.82 -27.17
CA SER B 57 13.41 10.68 -26.64
C SER B 57 12.43 10.29 -27.74
N GLY B 58 12.84 10.43 -29.00
CA GLY B 58 12.01 10.03 -30.12
C GLY B 58 10.82 10.95 -30.32
N SER B 59 9.89 10.52 -31.17
CA SER B 59 8.83 11.42 -31.60
C SER B 59 7.81 11.59 -30.48
N SER B 60 7.68 10.62 -29.57
CA SER B 60 6.67 10.71 -28.52
C SER B 60 7.19 11.46 -27.29
N GLY B 61 8.49 11.35 -26.97
CA GLY B 61 9.03 11.88 -25.73
C GLY B 61 8.77 10.98 -24.51
N LYS B 62 8.05 9.86 -24.67
CA LYS B 62 7.67 9.04 -23.52
C LYS B 62 8.78 8.10 -23.06
N VAL B 63 9.28 8.29 -21.83
CA VAL B 63 10.32 7.47 -21.27
C VAL B 63 9.78 6.79 -20.00
N GLN B 64 10.05 5.49 -19.86
CA GLN B 64 9.62 4.73 -18.72
C GLN B 64 10.78 3.91 -18.16
N VAL B 65 10.95 4.02 -16.85
CA VAL B 65 11.91 3.20 -16.12
C VAL B 65 11.20 2.09 -15.39
N GLN B 66 11.71 0.86 -15.55
CA GLN B 66 11.24 -0.32 -14.84
C GLN B 66 12.41 -1.02 -14.18
N VAL B 67 12.15 -1.56 -12.99
CA VAL B 67 13.17 -2.23 -12.23
C VAL B 67 12.64 -3.58 -11.78
N SER B 68 13.46 -4.61 -11.98
CA SER B 68 13.13 -5.91 -11.41
C SER B 68 14.37 -6.60 -10.83
N VAL B 69 14.11 -7.44 -9.82
CA VAL B 69 15.11 -8.29 -9.19
C VAL B 69 14.62 -9.74 -9.28
N ASN B 70 15.35 -10.58 -10.02
CA ASN B 70 15.01 -11.99 -10.17
C ASN B 70 13.55 -12.15 -10.58
N GLY B 71 13.13 -11.29 -11.53
CA GLY B 71 11.83 -11.37 -12.17
C GLY B 71 10.70 -10.69 -11.38
N ARG B 72 11.02 -10.13 -10.21
CA ARG B 72 10.00 -9.49 -9.38
C ARG B 72 10.07 -7.97 -9.59
N PRO B 73 8.94 -7.29 -9.91
CA PRO B 73 8.96 -5.85 -10.14
C PRO B 73 9.14 -5.13 -8.81
N SER B 74 10.14 -4.26 -8.74
CA SER B 74 10.37 -3.41 -7.59
C SER B 74 9.29 -2.31 -7.54
N ASP B 75 8.96 -1.83 -6.35
CA ASP B 75 8.06 -0.68 -6.22
C ASP B 75 8.87 0.60 -6.48
N LEU B 76 8.29 1.54 -7.21
CA LEU B 76 9.02 2.71 -7.69
C LEU B 76 8.52 3.98 -7.00
N VAL B 77 9.45 4.93 -6.81
CA VAL B 77 9.10 6.30 -6.51
C VAL B 77 9.83 7.20 -7.51
N SER B 78 9.22 8.33 -7.87
CA SER B 78 9.76 9.16 -8.92
C SER B 78 9.29 10.60 -8.82
N ALA B 79 10.06 11.49 -9.45
CA ALA B 79 9.67 12.89 -9.65
C ALA B 79 10.57 13.52 -10.68
N GLN B 80 10.10 14.61 -11.29
CA GLN B 80 10.93 15.42 -12.16
C GLN B 80 11.14 16.79 -11.52
N VAL B 81 12.39 17.25 -11.59
CA VAL B 81 12.75 18.55 -11.06
C VAL B 81 13.43 19.35 -12.17
N ILE B 82 13.05 20.65 -12.28
CA ILE B 82 13.63 21.59 -13.24
C ILE B 82 14.27 22.76 -12.48
N LEU B 83 15.55 22.97 -12.76
CA LEU B 83 16.31 24.07 -12.20
C LEU B 83 16.52 25.15 -13.27
N THR B 84 16.36 26.41 -12.85
CA THR B 84 16.48 27.64 -13.66
C THR B 84 15.80 27.49 -15.02
N ASN B 85 14.66 26.81 -15.02
CA ASN B 85 13.79 26.69 -16.18
C ASN B 85 14.52 26.03 -17.36
N GLU B 86 15.56 25.23 -17.10
CA GLU B 86 16.40 24.70 -18.16
C GLU B 86 16.89 23.28 -17.89
N LEU B 87 17.44 23.04 -16.69
CA LEU B 87 18.12 21.80 -16.36
C LEU B 87 17.11 20.82 -15.76
N ASN B 88 16.93 19.69 -16.41
CA ASN B 88 15.91 18.71 -16.03
C ASN B 88 16.55 17.45 -15.44
N PHE B 89 15.96 17.01 -14.32
CA PHE B 89 16.26 15.71 -13.74
C PHE B 89 14.96 14.93 -13.59
N ALA B 90 14.96 13.71 -14.11
CA ALA B 90 13.94 12.71 -13.78
C ALA B 90 14.57 11.61 -12.92
N LEU B 91 14.04 11.48 -11.71
CA LEU B 91 14.65 10.69 -10.62
C LEU B 91 13.75 9.51 -10.31
N VAL B 92 14.37 8.34 -10.13
CA VAL B 92 13.68 7.12 -9.77
C VAL B 92 14.41 6.44 -8.63
N GLY B 93 13.63 6.02 -7.64
CA GLY B 93 14.03 5.13 -6.57
C GLY B 93 13.22 3.84 -6.66
N SER B 94 13.74 2.73 -6.11
CA SER B 94 13.09 1.44 -6.23
C SER B 94 13.37 0.60 -4.99
N GLU B 95 12.39 -0.21 -4.63
CA GLU B 95 12.45 -1.02 -3.41
C GLU B 95 12.18 -2.47 -3.80
N ASP B 96 13.11 -3.34 -3.42
CA ASP B 96 13.06 -4.74 -3.81
C ASP B 96 12.72 -5.68 -2.65
N GLY B 97 12.52 -5.12 -1.46
CA GLY B 97 12.43 -5.91 -0.23
C GLY B 97 11.51 -5.26 0.80
N THR B 98 11.94 -5.27 2.07
CA THR B 98 11.08 -4.98 3.21
C THR B 98 11.50 -3.68 3.92
N ASP B 99 12.75 -3.25 3.71
CA ASP B 99 13.29 -2.18 4.53
C ASP B 99 12.85 -0.78 4.08
N ASN B 100 12.32 -0.64 2.85
CA ASN B 100 11.80 0.64 2.34
C ASN B 100 12.85 1.77 2.34
N ASP B 101 14.11 1.46 1.99
CA ASP B 101 15.13 2.49 1.74
C ASP B 101 14.98 3.06 0.31
N TYR B 102 14.27 2.37 -0.59
CA TYR B 102 14.02 2.83 -1.94
C TYR B 102 15.29 3.21 -2.70
N ASN B 103 16.45 2.60 -2.37
CA ASN B 103 17.69 2.92 -3.07
C ASN B 103 18.28 1.73 -3.82
N ASP B 104 17.50 0.66 -3.94
CA ASP B 104 18.06 -0.62 -4.33
C ASP B 104 18.59 -0.51 -5.76
N ALA B 105 17.79 0.12 -6.63
CA ALA B 105 18.27 0.71 -7.85
C ALA B 105 17.79 2.16 -7.84
N VAL B 106 18.71 3.06 -8.19
CA VAL B 106 18.46 4.48 -8.31
C VAL B 106 18.78 4.88 -9.73
N VAL B 107 17.83 5.54 -10.39
CA VAL B 107 17.99 5.94 -11.76
C VAL B 107 17.84 7.45 -11.86
N VAL B 108 18.81 8.06 -12.58
CA VAL B 108 18.84 9.48 -12.87
C VAL B 108 18.87 9.69 -14.38
N ILE B 109 17.86 10.42 -14.85
CA ILE B 109 17.74 10.86 -16.22
C ILE B 109 17.94 12.37 -16.24
N ASN B 110 18.90 12.86 -17.03
CA ASN B 110 19.15 14.30 -17.09
C ASN B 110 19.09 14.75 -18.56
N TRP B 111 18.54 15.93 -18.78
CA TRP B 111 18.69 16.63 -20.03
C TRP B 111 18.62 18.14 -19.78
N PRO B 112 19.05 19.01 -20.73
CA PRO B 112 19.67 18.60 -21.99
C PRO B 112 21.13 18.15 -21.85
N LEU B 113 21.63 17.52 -22.92
CA LEU B 113 23.05 17.21 -23.00
C LEU B 113 23.75 18.18 -23.95
N GLY B 114 25.10 18.17 -23.96
CA GLY B 114 25.90 18.84 -24.98
C GLY B 114 26.44 20.19 -24.53
N ALA C 1 22.16 32.64 -11.66
CA ALA C 1 21.19 32.11 -12.66
C ALA C 1 19.86 32.83 -12.46
N THR C 2 19.10 32.99 -13.54
CA THR C 2 17.76 33.55 -13.40
C THR C 2 16.92 32.63 -12.50
N GLN C 3 16.07 33.26 -11.67
CA GLN C 3 15.12 32.55 -10.84
C GLN C 3 13.77 33.20 -11.01
N GLY C 4 12.71 32.43 -10.79
CA GLY C 4 11.38 32.99 -10.78
C GLY C 4 10.76 33.01 -12.17
N VAL C 5 11.42 32.37 -13.16
CA VAL C 5 10.89 32.29 -14.51
C VAL C 5 10.58 30.83 -14.84
N PHE C 6 9.39 30.58 -15.38
CA PHE C 6 8.93 29.22 -15.66
C PHE C 6 8.25 29.18 -17.02
N THR C 7 8.51 28.15 -17.84
CA THR C 7 7.80 27.96 -19.10
C THR C 7 6.70 26.94 -18.85
N LEU C 8 5.45 27.37 -18.87
CA LEU C 8 4.31 26.50 -18.76
C LEU C 8 3.91 26.06 -20.16
N PRO C 9 3.06 25.01 -20.29
CA PRO C 9 2.42 24.74 -21.58
C PRO C 9 1.62 25.97 -21.98
N ALA C 10 1.54 26.25 -23.29
CA ALA C 10 0.86 27.43 -23.79
C ALA C 10 -0.65 27.30 -23.55
N ASN C 11 -1.31 28.46 -23.39
CA ASN C 11 -2.77 28.56 -23.34
C ASN C 11 -3.34 27.61 -22.29
N THR C 12 -2.74 27.57 -21.08
CA THR C 12 -3.12 26.67 -20.00
C THR C 12 -3.42 27.52 -18.77
N ARG C 13 -4.51 27.21 -18.04
CA ARG C 13 -4.80 27.94 -16.81
C ARG C 13 -3.84 27.47 -15.72
N PHE C 14 -3.48 28.40 -14.81
CA PHE C 14 -2.65 28.07 -13.68
C PHE C 14 -3.09 28.87 -12.46
N GLY C 15 -2.84 28.29 -11.26
CA GLY C 15 -3.11 28.95 -10.00
C GLY C 15 -1.84 29.65 -9.53
N VAL C 16 -1.98 30.83 -8.94
CA VAL C 16 -0.85 31.47 -8.27
C VAL C 16 -1.31 31.98 -6.92
N THR C 17 -0.50 31.68 -5.89
CA THR C 17 -0.82 31.96 -4.51
C THR C 17 0.43 32.52 -3.84
N ALA C 18 0.30 33.62 -3.12
CA ALA C 18 1.43 34.21 -2.44
C ALA C 18 1.20 34.29 -0.94
N PHE C 19 2.29 34.09 -0.18
CA PHE C 19 2.26 34.07 1.26
C PHE C 19 3.33 35.02 1.75
N ALA C 20 3.12 35.67 2.91
CA ALA C 20 4.13 36.60 3.43
C ALA C 20 4.57 36.16 4.82
N ASN C 21 5.86 36.40 5.08
CA ASN C 21 6.55 36.09 6.31
C ASN C 21 7.65 37.12 6.53
N SER C 22 7.25 38.35 6.84
CA SER C 22 8.20 39.44 6.99
C SER C 22 7.52 40.61 7.69
N SER C 23 8.31 41.45 8.36
CA SER C 23 7.74 42.68 8.90
C SER C 23 7.42 43.70 7.78
N GLY C 24 8.03 43.58 6.59
CA GLY C 24 7.79 44.55 5.52
C GLY C 24 6.66 44.09 4.60
N THR C 25 5.92 45.06 4.03
CA THR C 25 4.90 44.80 3.03
C THR C 25 5.55 44.20 1.78
N GLN C 26 5.00 43.07 1.30
CA GLN C 26 5.53 42.37 0.14
C GLN C 26 4.71 42.72 -1.10
N THR C 27 5.39 42.96 -2.23
CA THR C 27 4.67 43.20 -3.47
C THR C 27 5.08 42.10 -4.43
N VAL C 28 4.10 41.36 -4.91
CA VAL C 28 4.36 40.29 -5.83
C VAL C 28 3.72 40.64 -7.16
N ASN C 29 4.55 40.64 -8.21
CA ASN C 29 4.08 40.82 -9.57
C ASN C 29 4.24 39.52 -10.34
N VAL C 30 3.17 39.14 -11.04
CA VAL C 30 3.19 37.97 -11.88
C VAL C 30 3.07 38.43 -13.32
N LEU C 31 4.09 38.15 -14.14
CA LEU C 31 4.12 38.57 -15.54
C LEU C 31 3.82 37.35 -16.39
N VAL C 32 3.00 37.56 -17.41
CA VAL C 32 2.80 36.54 -18.42
C VAL C 32 3.21 37.14 -19.77
N ASN C 33 4.14 36.44 -20.43
CA ASN C 33 4.75 36.94 -21.67
C ASN C 33 5.18 38.39 -21.46
N ASN C 34 5.81 38.66 -20.32
CA ASN C 34 6.49 39.93 -20.10
C ASN C 34 5.51 41.08 -19.82
N GLU C 35 4.21 40.78 -19.58
CA GLU C 35 3.26 41.81 -19.19
C GLU C 35 2.61 41.46 -17.85
N THR C 36 2.43 42.44 -16.96
CA THR C 36 1.85 42.23 -15.64
C THR C 36 0.45 41.64 -15.80
N ALA C 37 0.24 40.47 -15.21
CA ALA C 37 -1.04 39.79 -15.26
C ALA C 37 -1.75 39.86 -13.91
N ALA C 38 -0.99 40.02 -12.82
CA ALA C 38 -1.57 40.11 -11.48
C ALA C 38 -0.53 40.76 -10.57
N THR C 39 -1.01 41.45 -9.55
CA THR C 39 -0.17 42.10 -8.56
C THR C 39 -0.82 41.86 -7.22
N PHE C 40 -0.03 41.41 -6.25
CA PHE C 40 -0.51 41.17 -4.90
C PHE C 40 0.37 41.97 -3.95
N SER C 41 -0.28 42.52 -2.92
N SER C 41 -0.26 42.54 -2.91
CA SER C 41 0.43 43.21 -1.85
CA SER C 41 0.51 43.19 -1.85
C SER C 41 -0.14 42.75 -0.52
C SER C 41 -0.14 42.91 -0.50
N GLY C 42 0.72 42.69 0.50
CA GLY C 42 0.26 42.41 1.84
C GLY C 42 1.42 42.31 2.79
N GLN C 43 1.08 42.31 4.09
CA GLN C 43 2.06 42.19 5.16
C GLN C 43 1.58 41.14 6.16
N SER C 44 2.48 40.18 6.44
CA SER C 44 2.24 39.15 7.43
C SER C 44 3.58 38.62 7.93
N THR C 45 3.62 38.27 9.23
CA THR C 45 4.71 37.42 9.73
C THR C 45 4.18 36.03 10.08
N ASN C 46 2.98 35.67 9.59
CA ASN C 46 2.33 34.42 9.99
C ASN C 46 1.86 33.63 8.78
N ASN C 47 2.54 33.81 7.65
CA ASN C 47 2.28 33.06 6.43
C ASN C 47 0.89 33.36 5.87
N ALA C 48 0.35 34.56 6.07
CA ALA C 48 -0.97 34.85 5.54
C ALA C 48 -0.92 34.84 4.02
N VAL C 49 -1.99 34.39 3.37
CA VAL C 49 -2.11 34.45 1.93
C VAL C 49 -2.34 35.91 1.59
N ILE C 50 -1.42 36.53 0.83
CA ILE C 50 -1.60 37.92 0.52
C ILE C 50 -2.21 38.08 -0.87
N GLY C 51 -2.42 36.99 -1.60
CA GLY C 51 -3.09 37.07 -2.87
C GLY C 51 -3.22 35.70 -3.50
N THR C 52 -4.27 35.51 -4.29
CA THR C 52 -4.38 34.27 -5.04
C THR C 52 -5.12 34.60 -6.33
N GLN C 53 -4.79 33.95 -7.45
CA GLN C 53 -5.50 34.22 -8.70
C GLN C 53 -5.35 33.00 -9.61
N VAL C 54 -6.30 32.84 -10.54
CA VAL C 54 -6.19 31.94 -11.67
C VAL C 54 -5.91 32.79 -12.90
N LEU C 55 -4.85 32.44 -13.64
CA LEU C 55 -4.39 33.12 -14.83
C LEU C 55 -4.22 32.16 -16.00
N ASN C 56 -4.10 32.74 -17.21
CA ASN C 56 -3.82 31.96 -18.41
C ASN C 56 -2.37 32.19 -18.84
N SER C 57 -1.67 31.10 -19.22
CA SER C 57 -0.27 31.16 -19.59
C SER C 57 -0.06 31.83 -20.94
N GLY C 58 -1.10 31.90 -21.79
CA GLY C 58 -0.97 32.59 -23.08
C GLY C 58 -0.11 31.81 -24.08
N SER C 59 0.25 32.48 -25.19
CA SER C 59 0.82 31.77 -26.32
C SER C 59 2.27 31.33 -26.07
N SER C 60 3.05 32.09 -25.27
CA SER C 60 4.44 31.79 -24.95
C SER C 60 4.56 30.76 -23.82
N GLY C 61 3.61 30.80 -22.91
CA GLY C 61 3.67 30.04 -21.67
C GLY C 61 4.69 30.61 -20.68
N LYS C 62 5.28 31.78 -20.96
CA LYS C 62 6.34 32.29 -20.10
C LYS C 62 5.70 33.02 -18.93
N VAL C 63 6.00 32.57 -17.70
CA VAL C 63 5.46 33.19 -16.50
C VAL C 63 6.63 33.63 -15.63
N GLN C 64 6.60 34.87 -15.12
CA GLN C 64 7.68 35.36 -14.28
C GLN C 64 7.11 35.93 -13.00
N VAL C 65 7.78 35.61 -11.89
CA VAL C 65 7.40 36.13 -10.59
C VAL C 65 8.49 37.11 -10.17
N GLN C 66 8.07 38.31 -9.77
CA GLN C 66 8.97 39.29 -9.18
C GLN C 66 8.48 39.69 -7.82
N VAL C 67 9.41 39.94 -6.90
CA VAL C 67 8.98 40.34 -5.57
C VAL C 67 9.79 41.56 -5.17
N SER C 68 9.14 42.54 -4.56
CA SER C 68 9.85 43.70 -4.03
C SER C 68 9.25 44.15 -2.71
N VAL C 69 10.05 44.91 -1.96
CA VAL C 69 9.62 45.42 -0.68
C VAL C 69 10.02 46.89 -0.66
N ASN C 70 9.02 47.77 -0.63
CA ASN C 70 9.26 49.21 -0.53
C ASN C 70 10.15 49.64 -1.69
N GLY C 71 9.89 49.02 -2.86
CA GLY C 71 10.57 49.33 -4.11
C GLY C 71 11.77 48.43 -4.45
N ARG C 72 12.37 47.77 -3.45
CA ARG C 72 13.64 47.10 -3.65
C ARG C 72 13.37 45.65 -4.04
N PRO C 73 13.96 45.14 -5.15
CA PRO C 73 13.70 43.78 -5.60
C PRO C 73 14.33 42.79 -4.64
N SER C 74 13.57 41.75 -4.30
CA SER C 74 14.05 40.76 -3.37
C SER C 74 14.93 39.76 -4.13
N ASP C 75 15.81 39.03 -3.43
CA ASP C 75 16.56 37.94 -4.03
C ASP C 75 15.66 36.71 -4.09
N LEU C 76 15.58 36.07 -5.26
CA LEU C 76 14.64 34.96 -5.50
C LEU C 76 15.36 33.62 -5.58
N VAL C 77 14.61 32.57 -5.21
N VAL C 77 14.68 32.56 -5.12
CA VAL C 77 15.04 31.20 -5.37
CA VAL C 77 15.08 31.21 -5.44
C VAL C 77 13.83 30.42 -5.89
C VAL C 77 13.84 30.51 -5.98
N SER C 78 14.05 29.52 -6.86
CA SER C 78 12.92 28.85 -7.50
C SER C 78 13.26 27.47 -8.02
N ALA C 79 12.21 26.67 -8.27
CA ALA C 79 12.36 25.40 -8.95
C ALA C 79 10.98 24.94 -9.40
N GLN C 80 10.95 24.01 -10.35
CA GLN C 80 9.70 23.38 -10.73
C GLN C 80 9.81 21.88 -10.44
N VAL C 81 8.72 21.33 -9.86
CA VAL C 81 8.61 19.93 -9.53
C VAL C 81 7.37 19.36 -10.20
N ILE C 82 7.53 18.18 -10.81
CA ILE C 82 6.40 17.50 -11.45
C ILE C 82 6.23 16.14 -10.77
N LEU C 83 4.99 15.85 -10.32
CA LEU C 83 4.65 14.58 -9.69
C LEU C 83 3.76 13.76 -10.61
N THR C 84 3.98 12.44 -10.59
CA THR C 84 3.38 11.43 -11.45
C THR C 84 3.19 11.94 -12.89
N ASN C 85 4.20 12.69 -13.42
CA ASN C 85 4.20 13.15 -14.81
C ASN C 85 2.96 13.96 -15.20
N GLU C 86 2.35 14.66 -14.24
CA GLU C 86 1.05 15.25 -14.43
C GLU C 86 0.92 16.57 -13.70
N LEU C 87 1.27 16.58 -12.41
CA LEU C 87 0.92 17.65 -11.51
C LEU C 87 2.15 18.53 -11.29
N ASN C 88 2.03 19.80 -11.65
CA ASN C 88 3.15 20.71 -11.71
C ASN C 88 3.08 21.74 -10.59
N PHE C 89 4.24 21.99 -9.99
CA PHE C 89 4.43 23.04 -9.03
C PHE C 89 5.61 23.90 -9.46
N ALA C 90 5.40 25.21 -9.55
CA ALA C 90 6.49 26.17 -9.72
C ALA C 90 6.61 26.95 -8.43
N LEU C 91 7.80 26.96 -7.83
CA LEU C 91 7.95 27.38 -6.45
C LEU C 91 8.94 28.51 -6.38
N VAL C 92 8.62 29.55 -5.58
CA VAL C 92 9.47 30.72 -5.42
C VAL C 92 9.53 31.10 -3.94
N GLY C 93 10.76 31.33 -3.47
CA GLY C 93 11.00 32.01 -2.22
C GLY C 93 11.81 33.27 -2.48
N SER C 94 11.84 34.16 -1.48
CA SER C 94 12.42 35.46 -1.71
C SER C 94 12.96 35.97 -0.39
N GLU C 95 14.01 36.76 -0.47
CA GLU C 95 14.66 37.29 0.70
C GLU C 95 14.75 38.82 0.57
N ASP C 96 14.26 39.51 1.60
CA ASP C 96 14.16 40.97 1.60
C ASP C 96 15.17 41.56 2.58
N GLY C 97 15.88 40.74 3.35
CA GLY C 97 16.77 41.22 4.41
C GLY C 97 18.09 40.48 4.47
N THR C 98 18.52 40.16 5.70
CA THR C 98 19.84 39.60 5.96
C THR C 98 19.79 38.18 6.54
N ASP C 99 18.61 37.68 6.95
CA ASP C 99 18.55 36.45 7.75
C ASP C 99 18.53 35.21 6.83
N ASN C 100 18.27 35.40 5.55
CA ASN C 100 18.32 34.32 4.56
C ASN C 100 17.35 33.18 4.88
N ASP C 101 16.16 33.48 5.39
CA ASP C 101 15.13 32.47 5.48
C ASP C 101 14.39 32.28 4.14
N TYR C 102 14.53 33.23 3.21
CA TYR C 102 13.95 33.10 1.88
C TYR C 102 12.45 32.77 1.91
N ASN C 103 11.76 33.21 2.95
CA ASN C 103 10.30 32.97 3.05
C ASN C 103 9.52 34.27 3.08
N ASP C 104 10.20 35.41 2.84
CA ASP C 104 9.59 36.71 3.11
C ASP C 104 8.36 36.94 2.22
N ALA C 105 8.48 36.60 0.93
CA ALA C 105 7.32 36.20 0.16
C ALA C 105 7.59 34.81 -0.42
N VAL C 106 6.55 33.97 -0.39
CA VAL C 106 6.60 32.63 -0.96
C VAL C 106 5.47 32.56 -1.99
N VAL C 107 5.81 32.13 -3.21
CA VAL C 107 4.84 32.08 -4.28
C VAL C 107 4.79 30.66 -4.81
N VAL C 108 3.57 30.16 -4.96
CA VAL C 108 3.31 28.80 -5.40
C VAL C 108 2.43 28.90 -6.63
N ILE C 109 2.90 28.30 -7.74
CA ILE C 109 2.12 28.20 -8.96
C ILE C 109 1.80 26.74 -9.19
N ASN C 110 0.54 26.40 -9.51
CA ASN C 110 0.19 25.02 -9.71
C ASN C 110 -0.63 24.90 -10.99
N TRP C 111 -0.45 23.80 -11.69
CA TRP C 111 -1.27 23.46 -12.85
C TRP C 111 -1.12 21.96 -13.11
N PRO C 112 -2.03 21.31 -13.87
CA PRO C 112 -3.24 21.91 -14.46
C PRO C 112 -4.33 22.09 -13.40
N LEU C 113 -5.35 22.86 -13.77
CA LEU C 113 -6.51 23.14 -12.93
C LEU C 113 -7.69 22.37 -13.51
N GLY C 114 -8.81 22.34 -12.78
CA GLY C 114 -10.05 21.79 -13.30
C GLY C 114 -10.30 20.34 -12.91
N ALA D 1 4.57 2.95 -2.63
CA ALA D 1 5.24 3.64 -1.51
C ALA D 1 4.26 4.56 -0.80
N THR D 2 4.50 4.73 0.49
CA THR D 2 3.79 5.71 1.31
C THR D 2 3.92 7.11 0.72
N GLN D 3 2.77 7.79 0.60
CA GLN D 3 2.75 9.19 0.13
C GLN D 3 2.02 10.06 1.14
N GLY D 4 2.38 11.35 1.20
CA GLY D 4 1.67 12.33 1.98
C GLY D 4 2.13 12.35 3.44
N VAL D 5 3.31 11.77 3.71
CA VAL D 5 3.86 11.71 5.05
C VAL D 5 5.24 12.37 5.02
N PHE D 6 5.48 13.27 5.98
CA PHE D 6 6.66 14.11 5.95
C PHE D 6 7.16 14.23 7.38
N THR D 7 8.47 14.15 7.51
CA THR D 7 9.11 14.45 8.77
C THR D 7 9.59 15.89 8.76
N LEU D 8 9.02 16.72 9.63
CA LEU D 8 9.50 18.08 9.80
C LEU D 8 10.43 18.13 11.00
N PRO D 9 11.27 19.19 11.14
CA PRO D 9 11.90 19.48 12.43
C PRO D 9 10.81 19.62 13.49
N ALA D 10 11.16 19.18 14.70
CA ALA D 10 10.25 19.19 15.83
C ALA D 10 9.97 20.61 16.27
N ASN D 11 8.75 20.80 16.79
CA ASN D 11 8.32 22.03 17.44
C ASN D 11 8.50 23.22 16.50
N THR D 12 8.16 23.04 15.20
CA THR D 12 8.32 24.09 14.20
C THR D 12 6.96 24.44 13.64
N ARG D 13 6.74 25.74 13.42
CA ARG D 13 5.54 26.22 12.77
C ARG D 13 5.64 25.94 11.26
N PHE D 14 4.53 25.58 10.64
CA PHE D 14 4.51 25.41 9.20
C PHE D 14 3.15 25.83 8.71
N GLY D 15 3.09 26.21 7.43
CA GLY D 15 1.84 26.53 6.80
C GLY D 15 1.33 25.33 6.05
N VAL D 16 0.00 25.19 6.02
CA VAL D 16 -0.63 24.18 5.16
C VAL D 16 -1.77 24.85 4.39
N THR D 17 -1.81 24.61 3.08
CA THR D 17 -2.81 25.19 2.21
C THR D 17 -3.35 24.13 1.27
N ALA D 18 -4.67 24.09 1.08
CA ALA D 18 -5.30 23.09 0.24
C ALA D 18 -6.08 23.80 -0.87
N PHE D 19 -6.06 23.21 -2.07
CA PHE D 19 -6.72 23.72 -3.25
C PHE D 19 -7.57 22.60 -3.82
N ALA D 20 -8.67 22.94 -4.47
CA ALA D 20 -9.58 21.92 -4.99
C ALA D 20 -9.74 22.10 -6.49
N ASN D 21 -9.78 20.98 -7.22
CA ASN D 21 -9.99 20.96 -8.65
C ASN D 21 -10.76 19.70 -9.02
N SER D 22 -12.05 19.70 -8.68
CA SER D 22 -12.88 18.54 -8.93
C SER D 22 -14.35 18.92 -8.80
N SER D 23 -15.24 18.11 -9.36
CA SER D 23 -16.64 18.37 -9.12
C SER D 23 -17.08 17.73 -7.81
N GLY D 24 -16.24 16.87 -7.20
CA GLY D 24 -16.56 16.27 -5.92
C GLY D 24 -16.04 17.16 -4.79
N THR D 25 -16.76 17.16 -3.67
CA THR D 25 -16.28 17.79 -2.44
C THR D 25 -15.04 17.07 -1.90
N GLN D 26 -13.94 17.81 -1.73
CA GLN D 26 -12.71 17.29 -1.16
C GLN D 26 -12.72 17.54 0.33
N THR D 27 -12.27 16.54 1.12
CA THR D 27 -12.02 16.69 2.54
C THR D 27 -10.54 16.46 2.74
N VAL D 28 -9.85 17.48 3.24
CA VAL D 28 -8.43 17.37 3.49
C VAL D 28 -8.24 17.39 4.99
N ASN D 29 -7.58 16.36 5.52
CA ASN D 29 -7.23 16.30 6.91
C ASN D 29 -5.71 16.37 7.05
N VAL D 30 -5.23 17.17 8.00
CA VAL D 30 -3.81 17.23 8.27
C VAL D 30 -3.58 16.70 9.67
N LEU D 31 -2.75 15.66 9.78
CA LEU D 31 -2.43 15.03 11.04
C LEU D 31 -1.03 15.44 11.48
N VAL D 32 -0.90 15.72 12.78
CA VAL D 32 0.39 15.89 13.45
C VAL D 32 0.47 14.88 14.60
N ASN D 33 1.55 14.08 14.62
CA ASN D 33 1.71 12.98 15.57
C ASN D 33 0.47 12.08 15.56
N ASN D 34 -0.07 11.85 14.36
CA ASN D 34 -1.17 10.92 14.13
C ASN D 34 -2.49 11.43 14.71
N GLU D 35 -2.63 12.75 14.96
CA GLU D 35 -3.89 13.32 15.43
C GLU D 35 -4.30 14.49 14.54
N THR D 36 -5.60 14.56 14.21
CA THR D 36 -6.09 15.58 13.29
C THR D 36 -5.86 16.96 13.89
N ALA D 37 -5.11 17.78 13.14
CA ALA D 37 -4.78 19.13 13.59
C ALA D 37 -5.52 20.17 12.74
N ALA D 38 -5.98 19.83 11.52
CA ALA D 38 -6.74 20.77 10.72
C ALA D 38 -7.58 19.97 9.74
N THR D 39 -8.73 20.53 9.36
N THR D 39 -8.74 20.51 9.37
CA THR D 39 -9.66 19.93 8.40
CA THR D 39 -9.61 19.89 8.36
C THR D 39 -10.21 21.03 7.49
C THR D 39 -10.24 20.98 7.50
N PHE D 40 -10.24 20.75 6.19
CA PHE D 40 -10.76 21.67 5.19
C PHE D 40 -11.68 20.89 4.27
N SER D 41 -12.81 21.45 3.85
CA SER D 41 -13.68 20.81 2.86
C SER D 41 -14.17 21.82 1.85
N GLY D 42 -14.38 21.36 0.61
CA GLY D 42 -14.90 22.27 -0.38
C GLY D 42 -14.83 21.71 -1.77
N GLN D 43 -15.57 22.37 -2.66
CA GLN D 43 -15.70 21.93 -4.03
C GLN D 43 -15.39 23.13 -4.91
N SER D 44 -14.53 22.91 -5.92
CA SER D 44 -14.12 23.95 -6.86
C SER D 44 -13.53 23.26 -8.08
N THR D 45 -13.82 23.77 -9.29
CA THR D 45 -13.08 23.41 -10.47
C THR D 45 -12.15 24.56 -10.87
N ASN D 46 -11.82 25.46 -9.93
CA ASN D 46 -11.04 26.65 -10.24
C ASN D 46 -9.98 26.92 -9.18
N ASN D 47 -9.42 25.87 -8.57
CA ASN D 47 -8.26 26.02 -7.68
C ASN D 47 -8.58 26.85 -6.45
N ALA D 48 -9.85 26.82 -5.95
CA ALA D 48 -10.19 27.55 -4.74
C ALA D 48 -9.26 27.08 -3.63
N VAL D 49 -8.86 28.01 -2.77
CA VAL D 49 -8.14 27.65 -1.57
C VAL D 49 -9.18 27.25 -0.52
N ILE D 50 -9.36 25.94 -0.34
CA ILE D 50 -10.43 25.49 0.54
C ILE D 50 -10.02 25.62 1.99
N GLY D 51 -8.73 25.92 2.23
CA GLY D 51 -8.32 26.21 3.58
C GLY D 51 -6.82 26.47 3.65
N THR D 52 -6.41 27.24 4.64
CA THR D 52 -5.01 27.50 4.92
C THR D 52 -4.91 27.71 6.42
N GLN D 53 -3.83 27.24 7.02
CA GLN D 53 -3.69 27.26 8.45
C GLN D 53 -2.19 27.23 8.80
N VAL D 54 -1.86 27.70 10.00
CA VAL D 54 -0.51 27.55 10.54
C VAL D 54 -0.59 26.53 11.69
N LEU D 55 0.26 25.51 11.63
CA LEU D 55 0.34 24.49 12.66
C LEU D 55 1.73 24.42 13.25
N ASN D 56 1.85 23.65 14.33
CA ASN D 56 3.11 23.36 14.95
C ASN D 56 3.35 21.86 14.82
N SER D 57 4.53 21.48 14.30
CA SER D 57 4.89 20.08 14.02
C SER D 57 4.98 19.19 15.28
N GLY D 58 5.05 19.80 16.48
CA GLY D 58 5.07 19.05 17.73
C GLY D 58 6.39 18.31 17.93
N SER D 59 6.40 17.34 18.86
CA SER D 59 7.63 16.69 19.32
C SER D 59 8.12 15.64 18.31
N SER D 60 7.22 14.95 17.61
CA SER D 60 7.59 13.95 16.61
C SER D 60 8.01 14.59 15.29
N GLY D 61 7.37 15.72 14.94
CA GLY D 61 7.58 16.32 13.64
C GLY D 61 6.90 15.51 12.52
N LYS D 62 6.11 14.49 12.83
CA LYS D 62 5.49 13.71 11.79
C LYS D 62 4.21 14.40 11.31
N VAL D 63 4.15 14.72 10.03
CA VAL D 63 2.97 15.38 9.48
C VAL D 63 2.42 14.50 8.37
N GLN D 64 1.11 14.30 8.35
CA GLN D 64 0.51 13.49 7.32
C GLN D 64 -0.70 14.21 6.75
N VAL D 65 -0.87 14.08 5.43
CA VAL D 65 -2.00 14.64 4.71
C VAL D 65 -2.88 13.48 4.25
N GLN D 66 -4.18 13.60 4.51
CA GLN D 66 -5.15 12.65 4.03
C GLN D 66 -6.20 13.39 3.24
N VAL D 67 -6.64 12.80 2.12
CA VAL D 67 -7.69 13.39 1.32
C VAL D 67 -8.75 12.33 1.07
N SER D 68 -10.02 12.71 1.21
CA SER D 68 -11.11 11.81 0.84
C SER D 68 -12.22 12.61 0.17
N VAL D 69 -13.07 11.88 -0.57
CA VAL D 69 -14.25 12.41 -1.23
C VAL D 69 -15.42 11.49 -0.86
N ASN D 70 -16.40 12.00 -0.11
CA ASN D 70 -17.56 11.22 0.29
C ASN D 70 -17.12 9.99 1.10
N GLY D 71 -16.00 10.11 1.81
CA GLY D 71 -15.48 9.05 2.65
C GLY D 71 -14.51 8.09 1.94
N ARG D 72 -14.36 8.18 0.61
CA ARG D 72 -13.44 7.30 -0.12
C ARG D 72 -12.07 7.97 -0.15
N PRO D 73 -11.00 7.31 0.35
CA PRO D 73 -9.66 7.89 0.32
C PRO D 73 -9.21 8.09 -1.14
N SER D 74 -8.60 9.25 -1.39
CA SER D 74 -8.00 9.55 -2.68
C SER D 74 -6.59 8.96 -2.75
N ASP D 75 -6.14 8.59 -3.94
CA ASP D 75 -4.77 8.15 -4.18
C ASP D 75 -3.89 9.40 -4.09
N LEU D 76 -2.77 9.34 -3.35
CA LEU D 76 -1.92 10.52 -3.19
C LEU D 76 -0.60 10.37 -3.95
N VAL D 77 0.00 11.53 -4.26
CA VAL D 77 1.38 11.61 -4.70
CA VAL D 77 1.38 11.60 -4.69
C VAL D 77 2.03 12.75 -3.93
N SER D 78 3.32 12.63 -3.64
CA SER D 78 3.98 13.62 -2.81
C SER D 78 5.48 13.68 -3.07
N ALA D 79 6.05 14.78 -2.60
CA ALA D 79 7.50 14.93 -2.51
C ALA D 79 7.79 16.12 -1.63
N GLN D 80 9.05 16.23 -1.23
CA GLN D 80 9.55 17.38 -0.50
C GLN D 80 10.70 18.00 -1.31
N VAL D 81 10.73 19.34 -1.41
CA VAL D 81 11.84 19.99 -2.10
CA VAL D 81 11.78 20.05 -2.14
C VAL D 81 12.39 21.10 -1.21
N ILE D 82 13.71 21.25 -1.22
CA ILE D 82 14.36 22.25 -0.38
C ILE D 82 15.17 23.19 -1.28
N LEU D 83 14.92 24.52 -1.17
CA LEU D 83 15.62 25.55 -1.93
C LEU D 83 16.61 26.29 -1.03
N THR D 84 17.78 26.63 -1.59
CA THR D 84 18.95 27.22 -0.93
C THR D 84 19.18 26.67 0.48
N ASN D 85 18.96 25.35 0.60
CA ASN D 85 19.23 24.60 1.81
C ASN D 85 18.46 25.16 3.01
N GLU D 86 17.28 25.76 2.78
CA GLU D 86 16.63 26.53 3.83
C GLU D 86 15.12 26.46 3.71
N LEU D 87 14.62 26.64 2.49
CA LEU D 87 13.19 26.85 2.31
C LEU D 87 12.59 25.51 1.90
N ASN D 88 11.57 25.05 2.64
CA ASN D 88 11.06 23.69 2.49
C ASN D 88 9.63 23.69 1.96
N PHE D 89 9.37 22.84 0.97
CA PHE D 89 8.01 22.61 0.52
C PHE D 89 7.75 21.11 0.54
N ALA D 90 6.65 20.75 1.17
CA ALA D 90 6.11 19.42 1.08
C ALA D 90 4.85 19.52 0.22
N LEU D 91 4.77 18.69 -0.83
CA LEU D 91 3.80 18.87 -1.88
C LEU D 91 2.97 17.61 -1.99
N VAL D 92 1.63 17.76 -2.11
CA VAL D 92 0.78 16.60 -2.24
C VAL D 92 -0.21 16.86 -3.35
N GLY D 93 -0.40 15.86 -4.20
CA GLY D 93 -1.53 15.80 -5.10
C GLY D 93 -2.39 14.58 -4.79
N SER D 94 -3.64 14.58 -5.28
CA SER D 94 -4.59 13.53 -4.97
C SER D 94 -5.55 13.35 -6.14
N GLU D 95 -5.96 12.08 -6.34
CA GLU D 95 -6.84 11.70 -7.42
C GLU D 95 -8.06 10.98 -6.86
N ASP D 96 -9.26 11.49 -7.20
CA ASP D 96 -10.51 10.99 -6.67
C ASP D 96 -11.24 10.13 -7.69
N GLY D 97 -10.70 9.96 -8.90
CA GLY D 97 -11.46 9.34 -9.98
C GLY D 97 -10.52 8.57 -10.91
N THR D 98 -10.73 8.73 -12.21
CA THR D 98 -10.09 7.89 -13.22
C THR D 98 -9.23 8.71 -14.18
N ASP D 99 -9.34 10.04 -14.23
CA ASP D 99 -8.64 10.79 -15.27
C ASP D 99 -7.16 11.01 -14.93
N ASN D 100 -6.77 10.79 -13.69
CA ASN D 100 -5.38 10.87 -13.23
C ASN D 100 -4.74 12.23 -13.47
N ASP D 101 -5.48 13.31 -13.24
CA ASP D 101 -4.87 14.63 -13.24
C ASP D 101 -4.18 14.91 -11.90
N TYR D 102 -4.51 14.15 -10.84
CA TYR D 102 -3.90 14.29 -9.51
C TYR D 102 -3.96 15.73 -8.96
N ASN D 103 -4.97 16.50 -9.37
CA ASN D 103 -5.06 17.88 -8.91
C ASN D 103 -6.35 18.06 -8.09
N ASP D 104 -7.03 16.96 -7.74
CA ASP D 104 -8.40 17.07 -7.25
C ASP D 104 -8.44 17.77 -5.90
N ALA D 105 -7.50 17.41 -5.03
CA ALA D 105 -7.06 18.28 -3.96
C ALA D 105 -5.55 18.33 -4.04
N VAL D 106 -5.03 19.55 -3.93
CA VAL D 106 -3.59 19.76 -3.93
C VAL D 106 -3.29 20.38 -2.59
N VAL D 107 -2.18 19.96 -1.95
CA VAL D 107 -1.87 20.48 -0.62
C VAL D 107 -0.41 20.85 -0.64
N VAL D 108 -0.14 22.04 -0.11
CA VAL D 108 1.22 22.53 -0.03
C VAL D 108 1.50 22.88 1.41
N ILE D 109 2.66 22.41 1.90
CA ILE D 109 3.14 22.69 3.24
C ILE D 109 4.46 23.42 3.06
N ASN D 110 4.65 24.52 3.79
CA ASN D 110 5.86 25.30 3.69
C ASN D 110 6.38 25.61 5.09
N TRP D 111 7.70 25.62 5.21
CA TRP D 111 8.34 26.11 6.42
C TRP D 111 9.75 26.50 6.03
N PRO D 112 10.48 27.28 6.85
CA PRO D 112 9.93 27.88 8.07
C PRO D 112 9.06 29.12 7.80
N LEU D 113 8.41 29.59 8.86
CA LEU D 113 7.53 30.74 8.83
C LEU D 113 8.18 31.90 9.57
N GLY D 114 7.58 33.10 9.48
CA GLY D 114 7.96 34.23 10.30
C GLY D 114 9.04 35.12 9.67
N ALA E 1 -21.93 -18.52 -8.39
CA ALA E 1 -21.77 -19.76 -7.60
C ALA E 1 -22.91 -19.88 -6.61
N THR E 2 -23.35 -21.12 -6.36
CA THR E 2 -24.32 -21.40 -5.31
C THR E 2 -23.71 -20.96 -3.97
N GLN E 3 -24.50 -20.26 -3.15
CA GLN E 3 -24.10 -19.88 -1.81
C GLN E 3 -25.17 -20.31 -0.80
N GLY E 4 -24.76 -20.51 0.45
CA GLY E 4 -25.63 -20.88 1.57
C GLY E 4 -26.06 -22.34 1.61
N VAL E 5 -25.36 -23.20 0.87
CA VAL E 5 -25.56 -24.64 0.85
C VAL E 5 -24.31 -25.33 1.43
N PHE E 6 -24.52 -26.22 2.42
CA PHE E 6 -23.42 -26.88 3.11
C PHE E 6 -23.73 -28.36 3.28
N THR E 7 -22.74 -29.21 3.00
CA THR E 7 -22.84 -30.62 3.35
C THR E 7 -22.22 -30.81 4.72
N LEU E 8 -23.06 -31.15 5.67
CA LEU E 8 -22.63 -31.52 7.01
C LEU E 8 -22.45 -33.03 7.06
N PRO E 9 -21.69 -33.54 8.05
CA PRO E 9 -21.67 -34.98 8.31
C PRO E 9 -23.10 -35.44 8.58
N ALA E 10 -23.47 -36.63 8.10
CA ALA E 10 -24.83 -37.10 8.27
C ALA E 10 -25.17 -37.26 9.76
N ASN E 11 -26.45 -37.13 10.11
CA ASN E 11 -26.96 -37.50 11.42
C ASN E 11 -26.22 -36.77 12.54
N THR E 12 -25.91 -35.48 12.31
CA THR E 12 -25.16 -34.68 13.27
C THR E 12 -26.04 -33.50 13.72
N ARG E 13 -26.05 -33.24 15.03
CA ARG E 13 -26.75 -32.10 15.59
C ARG E 13 -25.91 -30.88 15.25
N PHE E 14 -26.59 -29.80 14.83
CA PHE E 14 -25.89 -28.55 14.64
C PHE E 14 -26.75 -27.39 15.16
N GLY E 15 -26.05 -26.31 15.52
CA GLY E 15 -26.66 -25.08 15.94
C GLY E 15 -26.85 -24.15 14.75
N VAL E 16 -27.99 -23.46 14.67
CA VAL E 16 -28.16 -22.43 13.66
C VAL E 16 -28.70 -21.18 14.34
N THR E 17 -28.06 -20.05 14.08
CA THR E 17 -28.39 -18.79 14.73
C THR E 17 -28.41 -17.68 13.66
N ALA E 18 -29.42 -16.80 13.71
CA ALA E 18 -29.53 -15.67 12.79
C ALA E 18 -29.52 -14.33 13.54
N PHE E 19 -28.83 -13.36 12.93
CA PHE E 19 -28.76 -11.99 13.41
C PHE E 19 -29.25 -11.04 12.32
N ALA E 20 -29.87 -9.91 12.72
CA ALA E 20 -30.40 -8.94 11.78
C ALA E 20 -29.71 -7.59 11.92
N ASN E 21 -29.42 -6.98 10.76
CA ASN E 21 -28.84 -5.66 10.69
C ASN E 21 -29.42 -4.91 9.49
N SER E 22 -30.67 -4.49 9.60
CA SER E 22 -31.36 -3.86 8.47
C SER E 22 -32.67 -3.26 8.96
N SER E 23 -33.13 -2.23 8.26
CA SER E 23 -34.44 -1.65 8.53
C SER E 23 -35.53 -2.54 7.93
N GLY E 24 -35.15 -3.49 7.08
CA GLY E 24 -36.12 -4.41 6.53
C GLY E 24 -36.27 -5.65 7.41
N THR E 25 -37.51 -6.14 7.51
CA THR E 25 -37.76 -7.36 8.23
C THR E 25 -37.09 -8.54 7.53
N GLN E 26 -36.23 -9.26 8.26
CA GLN E 26 -35.59 -10.43 7.66
C GLN E 26 -36.42 -11.69 7.93
N THR E 27 -36.47 -12.57 6.95
CA THR E 27 -36.98 -13.92 7.13
C THR E 27 -35.90 -14.93 6.70
N VAL E 28 -35.51 -15.78 7.64
CA VAL E 28 -34.47 -16.76 7.39
C VAL E 28 -35.06 -18.14 7.44
N ASN E 29 -34.92 -18.89 6.35
CA ASN E 29 -35.33 -20.28 6.31
C ASN E 29 -34.12 -21.19 6.27
N VAL E 30 -34.18 -22.27 7.06
CA VAL E 30 -33.16 -23.30 7.08
C VAL E 30 -33.80 -24.59 6.59
N LEU E 31 -33.26 -25.15 5.51
CA LEU E 31 -33.72 -26.42 4.97
C LEU E 31 -32.69 -27.51 5.23
N VAL E 32 -33.21 -28.69 5.57
CA VAL E 32 -32.40 -29.87 5.74
C VAL E 32 -32.99 -30.90 4.78
N ASN E 33 -32.17 -31.44 3.88
CA ASN E 33 -32.59 -32.37 2.84
C ASN E 33 -33.76 -31.76 2.05
N ASN E 34 -33.63 -30.47 1.68
CA ASN E 34 -34.58 -29.69 0.92
C ASN E 34 -35.97 -29.55 1.56
N GLU E 35 -36.05 -29.66 2.90
CA GLU E 35 -37.30 -29.52 3.63
C GLU E 35 -37.11 -28.49 4.73
N THR E 36 -38.08 -27.56 4.88
CA THR E 36 -37.95 -26.48 5.84
C THR E 36 -37.87 -27.10 7.22
N ALA E 37 -36.85 -26.69 7.99
CA ALA E 37 -36.60 -27.28 9.29
C ALA E 37 -36.71 -26.20 10.36
N ALA E 38 -36.49 -24.93 9.97
CA ALA E 38 -36.64 -23.81 10.88
C ALA E 38 -36.84 -22.53 10.07
N THR E 39 -37.57 -21.57 10.67
CA THR E 39 -37.85 -20.26 10.08
C THR E 39 -37.70 -19.24 11.18
N PHE E 40 -36.85 -18.24 10.94
CA PHE E 40 -36.69 -17.15 11.87
C PHE E 40 -37.09 -15.85 11.19
N SER E 41 -37.58 -14.90 11.99
CA SER E 41 -37.87 -13.57 11.46
C SER E 41 -37.61 -12.51 12.53
N GLY E 42 -37.28 -11.30 12.07
CA GLY E 42 -37.16 -10.17 12.96
C GLY E 42 -36.73 -8.92 12.21
N GLN E 43 -36.59 -7.83 12.95
CA GLN E 43 -36.14 -6.57 12.38
C GLN E 43 -35.37 -5.80 13.43
N SER E 44 -34.06 -5.68 13.18
CA SER E 44 -33.16 -4.95 14.02
C SER E 44 -32.05 -4.37 13.17
N THR E 45 -31.52 -3.22 13.59
CA THR E 45 -30.28 -2.70 13.02
C THR E 45 -29.15 -2.81 14.04
N ASN E 46 -29.35 -3.63 15.07
CA ASN E 46 -28.36 -3.72 16.13
C ASN E 46 -28.07 -5.19 16.47
N ASN E 47 -28.11 -6.08 15.46
CA ASN E 47 -27.55 -7.42 15.58
C ASN E 47 -28.38 -8.29 16.51
N ALA E 48 -29.71 -8.07 16.54
CA ALA E 48 -30.60 -8.97 17.28
C ALA E 48 -30.44 -10.41 16.83
N VAL E 49 -30.45 -11.31 17.81
CA VAL E 49 -30.47 -12.73 17.57
C VAL E 49 -31.93 -13.11 17.36
N ILE E 50 -32.37 -13.06 16.10
CA ILE E 50 -33.77 -13.22 15.78
C ILE E 50 -34.22 -14.67 15.88
N GLY E 51 -33.27 -15.58 16.04
CA GLY E 51 -33.60 -16.99 16.22
C GLY E 51 -32.33 -17.82 16.42
N THR E 52 -32.49 -18.90 17.16
CA THR E 52 -31.43 -19.87 17.34
C THR E 52 -32.10 -21.20 17.70
N GLN E 53 -31.59 -22.29 17.14
CA GLN E 53 -32.18 -23.61 17.26
C GLN E 53 -31.10 -24.67 17.08
N VAL E 54 -31.33 -25.86 17.64
CA VAL E 54 -30.53 -27.03 17.39
C VAL E 54 -31.32 -27.90 16.42
N LEU E 55 -30.68 -28.34 15.34
CA LEU E 55 -31.31 -29.21 14.35
C LEU E 55 -30.44 -30.44 14.11
N ASN E 56 -30.94 -31.40 13.33
CA ASN E 56 -30.15 -32.57 12.98
C ASN E 56 -29.95 -32.61 11.47
N SER E 57 -28.72 -32.88 11.01
CA SER E 57 -28.43 -32.84 9.58
C SER E 57 -29.05 -34.00 8.82
N GLY E 58 -29.48 -35.04 9.54
CA GLY E 58 -30.22 -36.13 8.94
C GLY E 58 -29.35 -37.00 8.05
N SER E 59 -29.97 -37.81 7.18
CA SER E 59 -29.20 -38.80 6.45
C SER E 59 -28.44 -38.18 5.28
N SER E 60 -28.89 -37.03 4.72
CA SER E 60 -28.25 -36.41 3.57
C SER E 60 -27.13 -35.49 4.03
N GLY E 61 -27.26 -34.89 5.22
CA GLY E 61 -26.30 -33.88 5.67
C GLY E 61 -26.46 -32.53 4.96
N LYS E 62 -27.43 -32.42 4.03
CA LYS E 62 -27.55 -31.22 3.19
C LYS E 62 -28.33 -30.13 3.94
N VAL E 63 -27.68 -28.96 4.12
CA VAL E 63 -28.28 -27.86 4.87
C VAL E 63 -28.23 -26.61 3.97
N GLN E 64 -29.40 -25.99 3.76
CA GLN E 64 -29.47 -24.77 2.96
C GLN E 64 -30.10 -23.64 3.76
N VAL E 65 -29.50 -22.44 3.62
CA VAL E 65 -29.96 -21.21 4.26
C VAL E 65 -30.51 -20.31 3.16
N GLN E 66 -31.75 -19.85 3.34
CA GLN E 66 -32.34 -18.84 2.47
C GLN E 66 -32.74 -17.62 3.27
N VAL E 67 -32.64 -16.45 2.65
CA VAL E 67 -33.02 -15.20 3.28
C VAL E 67 -33.87 -14.39 2.33
N SER E 68 -34.97 -13.85 2.88
CA SER E 68 -35.80 -12.96 2.10
C SER E 68 -36.28 -11.79 2.97
N VAL E 69 -36.60 -10.69 2.28
CA VAL E 69 -37.07 -9.47 2.91
C VAL E 69 -38.32 -9.02 2.16
N ASN E 70 -39.41 -8.92 2.91
CA ASN E 70 -40.76 -8.77 2.39
C ASN E 70 -40.89 -9.49 1.04
N GLY E 71 -40.55 -10.77 1.06
CA GLY E 71 -40.83 -11.66 -0.06
C GLY E 71 -39.72 -11.69 -1.11
N ARG E 72 -38.73 -10.80 -1.01
CA ARG E 72 -37.67 -10.73 -2.01
C ARG E 72 -36.42 -11.47 -1.52
N PRO E 73 -35.89 -12.44 -2.29
CA PRO E 73 -34.66 -13.17 -1.96
C PRO E 73 -33.46 -12.25 -1.89
N SER E 74 -32.71 -12.34 -0.78
CA SER E 74 -31.53 -11.53 -0.62
C SER E 74 -30.38 -12.18 -1.40
N ASP E 75 -29.35 -11.41 -1.71
CA ASP E 75 -28.15 -12.00 -2.27
C ASP E 75 -27.30 -12.59 -1.14
N LEU E 76 -26.89 -13.85 -1.31
CA LEU E 76 -26.13 -14.57 -0.27
C LEU E 76 -24.64 -14.64 -0.54
N VAL E 77 -23.87 -14.62 0.54
CA VAL E 77 -22.46 -15.03 0.50
C VAL E 77 -22.24 -16.02 1.64
N SER E 78 -21.34 -17.01 1.43
CA SER E 78 -21.12 -18.04 2.43
C SER E 78 -19.74 -18.68 2.30
N ALA E 79 -19.34 -19.36 3.38
CA ALA E 79 -18.16 -20.22 3.41
C ALA E 79 -18.24 -21.10 4.66
N GLN E 80 -17.39 -22.11 4.69
CA GLN E 80 -17.23 -22.96 5.84
C GLN E 80 -15.78 -22.89 6.28
N VAL E 81 -15.60 -22.93 7.60
N VAL E 81 -15.54 -22.84 7.59
CA VAL E 81 -14.30 -22.87 8.23
CA VAL E 81 -14.18 -22.84 8.13
C VAL E 81 -14.21 -24.01 9.23
C VAL E 81 -14.10 -23.80 9.31
N ILE E 82 -13.03 -24.61 9.32
CA ILE E 82 -12.78 -25.65 10.29
C ILE E 82 -11.52 -25.28 11.07
N LEU E 83 -11.67 -25.22 12.40
CA LEU E 83 -10.55 -24.98 13.30
C LEU E 83 -10.16 -26.27 14.03
N THR E 84 -8.84 -26.40 14.18
CA THR E 84 -8.14 -27.58 14.72
C THR E 84 -8.78 -28.90 14.27
N ASN E 85 -9.15 -28.95 12.99
CA ASN E 85 -9.63 -30.17 12.36
C ASN E 85 -10.85 -30.76 13.06
N GLU E 86 -11.62 -29.91 13.76
CA GLU E 86 -12.69 -30.38 14.62
C GLU E 86 -13.89 -29.43 14.65
N LEU E 87 -13.65 -28.13 14.87
CA LEU E 87 -14.72 -27.18 15.10
C LEU E 87 -15.12 -26.56 13.78
N ASN E 88 -16.41 -26.71 13.43
CA ASN E 88 -16.92 -26.28 12.13
C ASN E 88 -17.82 -25.05 12.26
N PHE E 89 -17.62 -24.07 11.37
CA PHE E 89 -18.57 -22.98 11.21
C PHE E 89 -18.99 -22.86 9.75
N ALA E 90 -20.31 -22.80 9.52
CA ALA E 90 -20.84 -22.47 8.22
C ALA E 90 -21.46 -21.08 8.34
N LEU E 91 -20.99 -20.16 7.50
CA LEU E 91 -21.29 -18.74 7.67
C LEU E 91 -22.01 -18.22 6.45
N VAL E 92 -23.05 -17.43 6.69
CA VAL E 92 -23.81 -16.79 5.63
C VAL E 92 -23.99 -15.30 5.94
N GLY E 93 -23.77 -14.49 4.90
CA GLY E 93 -24.14 -13.09 4.85
C GLY E 93 -25.21 -12.89 3.77
N SER E 94 -25.98 -11.83 3.91
CA SER E 94 -27.02 -11.54 2.93
C SER E 94 -27.15 -10.03 2.76
N GLU E 95 -27.56 -9.63 1.55
CA GLU E 95 -27.74 -8.23 1.20
C GLU E 95 -29.16 -8.05 0.64
N ASP E 96 -29.93 -7.13 1.25
CA ASP E 96 -31.29 -6.86 0.81
C ASP E 96 -31.43 -5.56 0.00
N GLY E 97 -30.34 -4.79 -0.14
CA GLY E 97 -30.37 -3.43 -0.68
C GLY E 97 -29.20 -3.17 -1.61
N THR E 98 -28.57 -2.00 -1.47
CA THR E 98 -27.55 -1.56 -2.41
C THR E 98 -26.24 -1.18 -1.71
N ASP E 99 -26.22 -1.06 -0.37
CA ASP E 99 -25.01 -0.58 0.32
C ASP E 99 -23.95 -1.68 0.39
N ASN E 100 -24.30 -2.93 0.07
CA ASN E 100 -23.39 -4.06 0.05
C ASN E 100 -22.64 -4.22 1.37
N ASP E 101 -23.33 -4.13 2.51
CA ASP E 101 -22.70 -4.47 3.78
C ASP E 101 -22.84 -5.96 4.07
N TYR E 102 -23.81 -6.64 3.40
CA TYR E 102 -23.92 -8.09 3.47
C TYR E 102 -24.17 -8.58 4.91
N ASN E 103 -24.67 -7.71 5.81
CA ASN E 103 -24.93 -8.08 7.18
C ASN E 103 -26.44 -8.07 7.48
N ASP E 104 -27.28 -7.92 6.44
CA ASP E 104 -28.68 -7.66 6.68
C ASP E 104 -29.34 -8.79 7.49
N ALA E 105 -29.12 -10.04 7.04
CA ALA E 105 -29.22 -11.19 7.91
C ALA E 105 -27.89 -11.93 7.84
N VAL E 106 -27.39 -12.29 9.01
CA VAL E 106 -26.17 -13.06 9.15
C VAL E 106 -26.55 -14.35 9.85
N VAL E 107 -26.08 -15.48 9.29
CA VAL E 107 -26.45 -16.77 9.84
C VAL E 107 -25.17 -17.52 10.16
N VAL E 108 -25.12 -18.10 11.36
CA VAL E 108 -24.01 -18.96 11.73
C VAL E 108 -24.55 -20.33 12.13
N ILE E 109 -23.94 -21.35 11.51
CA ILE E 109 -24.17 -22.75 11.79
C ILE E 109 -22.89 -23.32 12.42
N ASN E 110 -23.00 -24.02 13.54
CA ASN E 110 -21.79 -24.52 14.22
C ASN E 110 -22.03 -25.97 14.62
N TRP E 111 -20.96 -26.77 14.52
CA TRP E 111 -20.98 -28.15 15.01
C TRP E 111 -19.54 -28.55 15.27
N PRO E 112 -19.26 -29.60 16.06
CA PRO E 112 -20.28 -30.41 16.73
C PRO E 112 -20.83 -29.72 17.98
N LEU E 113 -21.93 -30.24 18.52
CA LEU E 113 -22.54 -29.77 19.75
C LEU E 113 -22.22 -30.71 20.93
N GLY E 114 -22.55 -30.33 22.16
CA GLY E 114 -22.47 -31.24 23.31
C GLY E 114 -21.19 -31.12 24.14
N ALA F 1 0.61 -20.44 18.98
CA ALA F 1 0.39 -19.02 18.59
C ALA F 1 -0.72 -18.43 19.47
N THR F 2 -0.70 -17.11 19.64
CA THR F 2 -1.79 -16.43 20.34
C THR F 2 -3.10 -16.68 19.60
N GLN F 3 -4.19 -16.84 20.36
CA GLN F 3 -5.50 -17.08 19.78
C GLN F 3 -6.50 -16.21 20.53
N GLY F 4 -7.60 -15.86 19.86
CA GLY F 4 -8.66 -15.10 20.48
C GLY F 4 -8.38 -13.61 20.51
N VAL F 5 -7.34 -13.18 19.78
CA VAL F 5 -7.05 -11.75 19.69
C VAL F 5 -7.28 -11.27 18.26
N PHE F 6 -8.05 -10.18 18.12
CA PHE F 6 -8.33 -9.64 16.80
C PHE F 6 -8.19 -8.11 16.78
N THR F 7 -7.73 -7.60 15.63
CA THR F 7 -7.67 -6.17 15.37
C THR F 7 -8.86 -5.82 14.50
N LEU F 8 -9.84 -5.12 15.10
CA LEU F 8 -10.94 -4.56 14.36
C LEU F 8 -10.57 -3.15 13.91
N PRO F 9 -11.31 -2.62 12.93
CA PRO F 9 -11.26 -1.19 12.61
C PRO F 9 -11.66 -0.39 13.85
N ALA F 10 -11.06 0.79 14.00
CA ALA F 10 -11.23 1.54 15.24
C ALA F 10 -12.65 2.10 15.30
N ASN F 11 -13.15 2.31 16.52
CA ASN F 11 -14.38 3.03 16.78
C ASN F 11 -15.54 2.41 15.99
N THR F 12 -15.56 1.07 15.89
CA THR F 12 -16.61 0.33 15.18
C THR F 12 -17.39 -0.53 16.16
N ARG F 13 -18.72 -0.54 16.03
CA ARG F 13 -19.60 -1.45 16.74
C ARG F 13 -19.47 -2.86 16.15
N PHE F 14 -19.46 -3.82 17.06
CA PHE F 14 -19.41 -5.22 16.69
C PHE F 14 -20.29 -6.00 17.64
N GLY F 15 -20.85 -7.09 17.14
CA GLY F 15 -21.62 -8.00 17.97
C GLY F 15 -20.72 -9.10 18.53
N VAL F 16 -20.98 -9.50 19.77
CA VAL F 16 -20.33 -10.67 20.33
C VAL F 16 -21.40 -11.55 20.94
N THR F 17 -21.32 -12.83 20.57
CA THR F 17 -22.25 -13.84 21.01
C THR F 17 -21.50 -15.11 21.40
N ALA F 18 -21.96 -15.73 22.50
CA ALA F 18 -21.34 -16.92 23.05
C ALA F 18 -22.38 -18.02 23.23
N PHE F 19 -21.96 -19.24 22.86
CA PHE F 19 -22.75 -20.45 22.96
C PHE F 19 -22.02 -21.41 23.89
N ALA F 20 -22.75 -22.30 24.57
CA ALA F 20 -22.10 -23.23 25.47
C ALA F 20 -22.42 -24.69 25.13
N ASN F 21 -21.38 -25.55 25.25
CA ASN F 21 -21.51 -26.98 24.97
C ASN F 21 -20.62 -27.76 25.92
N SER F 22 -20.98 -27.76 27.22
CA SER F 22 -20.18 -28.38 28.26
C SER F 22 -21.03 -28.54 29.52
N SER F 23 -20.68 -29.51 30.39
CA SER F 23 -21.36 -29.63 31.68
C SER F 23 -20.83 -28.57 32.65
N GLY F 24 -19.71 -27.93 32.33
CA GLY F 24 -19.20 -26.89 33.22
C GLY F 24 -19.70 -25.50 32.79
N THR F 25 -19.88 -24.61 33.78
CA THR F 25 -20.22 -23.21 33.53
C THR F 25 -19.08 -22.50 32.81
N GLN F 26 -19.43 -21.84 31.70
CA GLN F 26 -18.41 -21.15 30.91
C GLN F 26 -18.44 -19.68 31.29
N THR F 27 -17.26 -19.10 31.53
CA THR F 27 -17.13 -17.65 31.67
C THR F 27 -16.40 -17.08 30.45
N VAL F 28 -17.05 -16.18 29.71
CA VAL F 28 -16.45 -15.55 28.55
C VAL F 28 -16.23 -14.09 28.89
N ASN F 29 -14.97 -13.68 28.83
CA ASN F 29 -14.60 -12.29 28.99
C ASN F 29 -14.17 -11.69 27.64
N VAL F 30 -14.71 -10.52 27.31
CA VAL F 30 -14.31 -9.78 26.11
C VAL F 30 -13.58 -8.51 26.54
N LEU F 31 -12.32 -8.37 26.12
CA LEU F 31 -11.54 -7.17 26.43
CA LEU F 31 -11.51 -7.20 26.42
C LEU F 31 -11.45 -6.28 25.19
N VAL F 32 -11.58 -4.98 25.42
CA VAL F 32 -11.33 -3.98 24.39
C VAL F 32 -10.23 -3.07 24.91
N ASN F 33 -9.14 -2.97 24.15
CA ASN F 33 -7.97 -2.21 24.58
C ASN F 33 -7.54 -2.71 25.96
N ASN F 34 -7.53 -4.03 26.14
CA ASN F 34 -7.07 -4.69 27.36
C ASN F 34 -7.88 -4.31 28.60
N GLU F 35 -9.13 -3.85 28.44
CA GLU F 35 -10.02 -3.66 29.57
C GLU F 35 -11.30 -4.44 29.37
N THR F 36 -11.86 -4.99 30.47
CA THR F 36 -13.08 -5.81 30.39
C THR F 36 -14.22 -4.96 29.89
N ALA F 37 -14.87 -5.42 28.82
CA ALA F 37 -15.94 -4.68 28.18
C ALA F 37 -17.24 -5.46 28.36
N ALA F 38 -17.14 -6.78 28.44
CA ALA F 38 -18.30 -7.65 28.66
C ALA F 38 -17.86 -8.98 29.26
N THR F 39 -18.74 -9.56 30.08
CA THR F 39 -18.57 -10.86 30.69
C THR F 39 -19.89 -11.62 30.57
N PHE F 40 -19.84 -12.82 30.00
CA PHE F 40 -20.97 -13.71 29.94
C PHE F 40 -20.66 -14.94 30.78
N SER F 41 -21.71 -15.57 31.30
N SER F 41 -21.68 -15.48 31.44
CA SER F 41 -21.56 -16.77 32.09
CA SER F 41 -21.55 -16.80 32.05
C SER F 41 -22.85 -17.59 32.03
C SER F 41 -22.83 -17.56 31.78
N GLY F 42 -22.70 -18.88 31.75
CA GLY F 42 -23.82 -19.77 31.56
C GLY F 42 -23.31 -21.18 31.36
N GLN F 43 -24.28 -22.10 31.37
CA GLN F 43 -23.99 -23.52 31.23
C GLN F 43 -25.08 -24.11 30.34
N SER F 44 -24.64 -24.91 29.37
CA SER F 44 -25.50 -25.60 28.45
C SER F 44 -24.70 -26.72 27.82
N THR F 45 -25.34 -27.87 27.54
CA THR F 45 -24.79 -28.90 26.66
C THR F 45 -25.53 -28.91 25.31
N ASN F 46 -26.34 -27.88 25.07
CA ASN F 46 -27.16 -27.84 23.87
C ASN F 46 -26.95 -26.55 23.10
N ASN F 47 -25.75 -25.93 23.17
CA ASN F 47 -25.44 -24.76 22.34
C ASN F 47 -26.33 -23.57 22.67
N ALA F 48 -26.83 -23.46 23.91
CA ALA F 48 -27.63 -22.29 24.30
C ALA F 48 -26.74 -21.06 24.23
N VAL F 49 -27.35 -19.93 23.86
CA VAL F 49 -26.72 -18.63 23.94
C VAL F 49 -26.54 -18.25 25.40
N ILE F 50 -25.31 -18.01 25.83
CA ILE F 50 -25.09 -17.60 27.20
C ILE F 50 -24.87 -16.10 27.32
N GLY F 51 -24.80 -15.39 26.18
CA GLY F 51 -24.72 -13.95 26.19
C GLY F 51 -24.56 -13.41 24.76
N THR F 52 -25.05 -12.19 24.57
CA THR F 52 -24.98 -11.48 23.30
C THR F 52 -25.02 -10.00 23.63
N GLN F 53 -24.21 -9.24 22.91
CA GLN F 53 -24.02 -7.86 23.25
C GLN F 53 -23.43 -7.14 22.06
N VAL F 54 -23.65 -5.81 22.03
CA VAL F 54 -23.02 -4.96 21.04
C VAL F 54 -21.99 -4.09 21.76
N LEU F 55 -20.77 -4.08 21.27
CA LEU F 55 -19.71 -3.30 21.88
C LEU F 55 -19.12 -2.37 20.83
N ASN F 56 -18.24 -1.49 21.28
CA ASN F 56 -17.48 -0.60 20.41
C ASN F 56 -16.00 -0.93 20.50
N SER F 57 -15.31 -0.99 19.35
CA SER F 57 -13.91 -1.42 19.29
C SER F 57 -12.92 -0.37 19.83
N GLY F 58 -13.38 0.87 19.97
CA GLY F 58 -12.57 1.91 20.61
C GLY F 58 -11.39 2.32 19.73
N SER F 59 -10.44 3.09 20.30
CA SER F 59 -9.46 3.76 19.47
C SER F 59 -8.40 2.77 19.03
N SER F 60 -8.18 1.72 19.82
CA SER F 60 -7.16 0.73 19.49
C SER F 60 -7.68 -0.27 18.45
N GLY F 61 -8.97 -0.62 18.54
CA GLY F 61 -9.53 -1.72 17.74
C GLY F 61 -9.16 -3.11 18.28
N LYS F 62 -8.38 -3.19 19.37
CA LYS F 62 -7.92 -4.47 19.88
C LYS F 62 -9.02 -5.19 20.67
N VAL F 63 -9.45 -6.37 20.20
CA VAL F 63 -10.45 -7.16 20.90
C VAL F 63 -9.83 -8.51 21.24
N GLN F 64 -10.01 -8.92 22.49
CA GLN F 64 -9.54 -10.20 22.95
C GLN F 64 -10.64 -10.95 23.68
N VAL F 65 -10.81 -12.23 23.32
CA VAL F 65 -11.71 -13.14 23.99
C VAL F 65 -10.91 -14.08 24.88
N GLN F 66 -11.38 -14.20 26.13
CA GLN F 66 -10.83 -15.14 27.10
C GLN F 66 -11.96 -16.01 27.62
N VAL F 67 -11.65 -17.29 27.84
CA VAL F 67 -12.65 -18.20 28.35
C VAL F 67 -12.06 -18.94 29.53
N SER F 68 -12.88 -19.06 30.56
CA SER F 68 -12.50 -19.84 31.73
C SER F 68 -13.69 -20.67 32.22
N VAL F 69 -13.35 -21.81 32.83
CA VAL F 69 -14.31 -22.67 33.51
C VAL F 69 -13.82 -22.89 34.94
N ASN F 70 -14.63 -22.43 35.88
CA ASN F 70 -14.35 -22.54 37.30
C ASN F 70 -12.91 -22.11 37.59
N GLY F 71 -12.49 -20.99 36.98
CA GLY F 71 -11.20 -20.37 37.25
C GLY F 71 -10.04 -20.93 36.41
N ARG F 72 -10.29 -21.95 35.60
CA ARG F 72 -9.23 -22.50 34.76
C ARG F 72 -9.34 -21.98 33.33
N PRO F 73 -8.26 -21.40 32.76
CA PRO F 73 -8.27 -20.88 31.38
C PRO F 73 -8.42 -21.96 30.32
N SER F 74 -9.44 -21.86 29.46
CA SER F 74 -9.62 -22.82 28.38
C SER F 74 -8.59 -22.59 27.28
N ASP F 75 -8.21 -23.67 26.58
CA ASP F 75 -7.37 -23.55 25.40
C ASP F 75 -8.24 -23.04 24.25
N LEU F 76 -7.75 -22.05 23.49
CA LEU F 76 -8.55 -21.38 22.48
C LEU F 76 -8.07 -21.73 21.08
N VAL F 77 -9.01 -21.75 20.12
CA VAL F 77 -8.71 -21.79 18.71
C VAL F 77 -9.50 -20.66 18.06
N SER F 78 -8.91 -19.97 17.09
CA SER F 78 -9.56 -18.80 16.50
C SER F 78 -9.14 -18.54 15.04
N ALA F 79 -9.98 -17.79 14.32
CA ALA F 79 -9.65 -17.29 13.00
C ALA F 79 -10.58 -16.13 12.67
N GLN F 80 -10.19 -15.29 11.70
CA GLN F 80 -11.07 -14.27 11.15
C GLN F 80 -11.31 -14.61 9.69
N VAL F 81 -12.59 -14.51 9.30
CA VAL F 81 -12.98 -14.77 7.93
C VAL F 81 -13.71 -13.53 7.40
N ILE F 82 -13.41 -13.14 6.15
CA ILE F 82 -14.04 -12.00 5.50
C ILE F 82 -14.69 -12.52 4.21
N LEU F 83 -16.00 -12.28 4.12
CA LEU F 83 -16.77 -12.56 2.92
C LEU F 83 -17.04 -11.28 2.14
N THR F 84 -16.96 -11.41 0.80
CA THR F 84 -17.13 -10.34 -0.19
C THR F 84 -16.47 -9.04 0.24
N ASN F 85 -15.25 -9.16 0.81
CA ASN F 85 -14.43 -8.04 1.21
C ASN F 85 -15.13 -7.04 2.13
N GLU F 86 -16.14 -7.50 2.89
CA GLU F 86 -16.99 -6.61 3.65
C GLU F 86 -17.43 -7.18 5.01
N LEU F 87 -17.91 -8.44 5.00
CA LEU F 87 -18.57 -9.05 6.14
C LEU F 87 -17.51 -9.82 6.92
N ASN F 88 -17.31 -9.41 8.17
CA ASN F 88 -16.25 -9.99 8.99
C ASN F 88 -16.81 -10.89 10.09
N PHE F 89 -16.19 -12.07 10.25
CA PHE F 89 -16.40 -12.94 11.39
C PHE F 89 -15.08 -13.22 12.10
N ALA F 90 -15.07 -12.95 13.40
CA ALA F 90 -14.03 -13.41 14.30
C ALA F 90 -14.59 -14.56 15.16
N LEU F 91 -13.99 -15.74 14.99
CA LEU F 91 -14.51 -17.00 15.51
C LEU F 91 -13.58 -17.53 16.58
N VAL F 92 -14.19 -18.07 17.64
CA VAL F 92 -13.43 -18.59 18.76
C VAL F 92 -14.07 -19.89 19.24
N GLY F 93 -13.22 -20.90 19.38
CA GLY F 93 -13.55 -22.16 20.00
C GLY F 93 -12.68 -22.35 21.23
N SER F 94 -13.18 -23.13 22.19
CA SER F 94 -12.44 -23.32 23.44
C SER F 94 -12.65 -24.74 23.99
N GLU F 95 -11.64 -25.21 24.70
CA GLU F 95 -11.63 -26.55 25.26
C GLU F 95 -11.37 -26.44 26.75
N ASP F 96 -12.24 -27.06 27.56
CA ASP F 96 -12.14 -26.98 29.03
C ASP F 96 -11.70 -28.32 29.64
N GLY F 97 -11.47 -29.35 28.82
CA GLY F 97 -11.26 -30.71 29.32
C GLY F 97 -10.33 -31.53 28.46
N THR F 98 -10.72 -32.78 28.20
CA THR F 98 -9.83 -33.78 27.62
C THR F 98 -10.29 -34.21 26.23
N ASP F 99 -11.55 -33.95 25.84
CA ASP F 99 -12.08 -34.58 24.64
C ASP F 99 -11.74 -33.78 23.37
N ASN F 100 -11.32 -32.51 23.51
CA ASN F 100 -10.84 -31.70 22.41
C ASN F 100 -11.92 -31.56 21.35
N ASP F 101 -13.18 -31.36 21.76
CA ASP F 101 -14.22 -31.00 20.81
C ASP F 101 -14.20 -29.49 20.55
N TYR F 102 -13.52 -28.69 21.40
CA TYR F 102 -13.29 -27.27 21.21
C TYR F 102 -14.59 -26.48 21.02
N ASN F 103 -15.70 -26.96 21.59
CA ASN F 103 -16.98 -26.29 21.44
C ASN F 103 -17.52 -25.86 22.80
N ASP F 104 -16.69 -25.96 23.84
CA ASP F 104 -17.20 -25.85 25.19
C ASP F 104 -17.76 -24.45 25.42
N ALA F 105 -17.02 -23.42 25.00
CA ALA F 105 -17.60 -22.11 24.73
C ALA F 105 -17.24 -21.77 23.28
N VAL F 106 -18.25 -21.41 22.50
CA VAL F 106 -18.05 -20.93 21.14
C VAL F 106 -18.43 -19.45 21.13
N VAL F 107 -17.53 -18.64 20.59
CA VAL F 107 -17.73 -17.19 20.55
C VAL F 107 -17.63 -16.71 19.11
N VAL F 108 -18.68 -15.97 18.69
CA VAL F 108 -18.77 -15.34 17.38
C VAL F 108 -18.83 -13.82 17.52
N ILE F 109 -17.87 -13.15 16.88
CA ILE F 109 -17.79 -11.69 16.77
C ILE F 109 -18.03 -11.34 15.31
N ASN F 110 -18.93 -10.40 15.05
CA ASN F 110 -19.30 -10.06 13.69
C ASN F 110 -19.35 -8.55 13.55
N TRP F 111 -18.87 -8.05 12.43
CA TRP F 111 -19.03 -6.67 12.05
C TRP F 111 -18.93 -6.55 10.53
N PRO F 112 -19.42 -5.46 9.89
CA PRO F 112 -20.14 -4.36 10.56
C PRO F 112 -21.56 -4.66 11.02
N LEU F 113 -22.11 -3.78 11.88
CA LEU F 113 -23.51 -3.88 12.29
C LEU F 113 -24.27 -2.83 11.50
N GLY F 114 -25.61 -2.82 11.63
CA GLY F 114 -26.41 -1.70 11.13
C GLY F 114 -26.99 -1.92 9.75
N ALA G 1 -22.83 -11.37 -5.32
CA ALA G 1 -21.86 -10.48 -4.66
C ALA G 1 -20.56 -10.47 -5.45
N THR G 2 -19.84 -9.35 -5.34
CA THR G 2 -18.50 -9.27 -5.87
C THR G 2 -17.64 -10.36 -5.24
N GLN G 3 -16.83 -11.03 -6.09
CA GLN G 3 -15.83 -11.99 -5.65
C GLN G 3 -14.49 -11.63 -6.31
N GLY G 4 -13.41 -11.99 -5.65
CA GLY G 4 -12.07 -11.83 -6.19
C GLY G 4 -11.50 -10.44 -5.91
N VAL G 5 -12.16 -9.64 -5.07
CA VAL G 5 -11.67 -8.32 -4.69
C VAL G 5 -11.33 -8.33 -3.21
N PHE G 6 -10.16 -7.78 -2.88
CA PHE G 6 -9.65 -7.82 -1.52
C PHE G 6 -9.01 -6.48 -1.18
N THR G 7 -9.24 -5.94 0.03
CA THR G 7 -8.58 -4.72 0.46
C THR G 7 -7.43 -5.15 1.35
N LEU G 8 -6.20 -5.00 0.87
CA LEU G 8 -5.03 -5.34 1.64
C LEU G 8 -4.61 -4.11 2.44
N PRO G 9 -3.77 -4.22 3.49
CA PRO G 9 -3.11 -3.03 4.01
C PRO G 9 -2.36 -2.31 2.87
N ALA G 10 -2.31 -0.98 2.94
CA ALA G 10 -1.77 -0.19 1.87
C ALA G 10 -0.24 -0.35 1.83
N ASN G 11 0.32 -0.24 0.62
CA ASN G 11 1.76 -0.22 0.40
C ASN G 11 2.42 -1.41 1.10
N THR G 12 1.90 -2.62 0.87
CA THR G 12 2.37 -3.85 1.48
C THR G 12 2.67 -4.87 0.37
N ARG G 13 3.78 -5.60 0.47
CA ARG G 13 4.07 -6.64 -0.51
C ARG G 13 3.13 -7.81 -0.25
N PHE G 14 2.79 -8.52 -1.33
CA PHE G 14 2.03 -9.75 -1.22
C PHE G 14 2.44 -10.71 -2.33
N GLY G 15 2.26 -12.01 -2.05
CA GLY G 15 2.47 -13.04 -3.04
C GLY G 15 1.15 -13.37 -3.73
N VAL G 16 1.23 -13.71 -5.01
CA VAL G 16 0.10 -14.30 -5.71
C VAL G 16 0.60 -15.48 -6.54
N THR G 17 -0.15 -16.59 -6.47
CA THR G 17 0.20 -17.83 -7.10
C THR G 17 -1.07 -18.41 -7.71
N ALA G 18 -1.00 -18.87 -8.97
CA ALA G 18 -2.16 -19.49 -9.59
C ALA G 18 -1.88 -20.92 -9.99
N PHE G 19 -2.93 -21.77 -9.91
CA PHE G 19 -2.82 -23.16 -10.25
C PHE G 19 -3.94 -23.42 -11.25
N ALA G 20 -3.73 -24.37 -12.16
CA ALA G 20 -4.80 -24.70 -13.09
C ALA G 20 -5.22 -26.16 -12.92
N ASN G 21 -6.53 -26.39 -13.11
CA ASN G 21 -7.17 -27.69 -13.14
C ASN G 21 -8.30 -27.69 -14.16
N SER G 22 -7.91 -27.72 -15.44
CA SER G 22 -8.86 -27.56 -16.54
C SER G 22 -8.19 -27.94 -17.84
N SER G 23 -8.99 -28.38 -18.82
CA SER G 23 -8.45 -28.63 -20.15
C SER G 23 -8.27 -27.33 -20.92
N GLY G 24 -8.91 -26.22 -20.53
CA GLY G 24 -8.71 -24.96 -21.24
C GLY G 24 -7.58 -24.13 -20.64
N THR G 25 -7.01 -23.23 -21.45
CA THR G 25 -5.98 -22.30 -21.01
C THR G 25 -6.60 -21.26 -20.09
N GLN G 26 -6.04 -21.13 -18.88
CA GLN G 26 -6.52 -20.19 -17.87
C GLN G 26 -5.68 -18.93 -17.95
N THR G 27 -6.33 -17.76 -18.07
CA THR G 27 -5.62 -16.50 -17.96
C THR G 27 -6.07 -15.86 -16.68
N VAL G 28 -5.07 -15.48 -15.87
CA VAL G 28 -5.33 -14.82 -14.62
C VAL G 28 -4.71 -13.44 -14.67
N ASN G 29 -5.53 -12.43 -14.42
CA ASN G 29 -5.08 -11.06 -14.29
C ASN G 29 -5.21 -10.62 -12.83
N VAL G 30 -4.16 -9.94 -12.37
CA VAL G 30 -4.14 -9.37 -11.04
C VAL G 30 -4.09 -7.86 -11.20
N LEU G 31 -5.13 -7.18 -10.71
CA LEU G 31 -5.20 -5.73 -10.77
C LEU G 31 -4.87 -5.17 -9.40
N VAL G 32 -4.05 -4.12 -9.40
CA VAL G 32 -3.81 -3.32 -8.21
C VAL G 32 -4.26 -1.89 -8.48
N ASN G 33 -5.17 -1.39 -7.63
CA ASN G 33 -5.80 -0.10 -7.80
C ASN G 33 -6.36 0.05 -9.21
N ASN G 34 -6.95 -1.05 -9.70
CA ASN G 34 -7.67 -1.09 -10.96
C ASN G 34 -6.71 -1.07 -12.16
N GLU G 35 -5.41 -1.31 -11.97
CA GLU G 35 -4.49 -1.41 -13.08
C GLU G 35 -3.85 -2.78 -13.05
N THR G 36 -3.71 -3.39 -14.24
CA THR G 36 -3.10 -4.70 -14.34
C THR G 36 -1.69 -4.65 -13.78
N ALA G 37 -1.39 -5.51 -12.80
CA ALA G 37 -0.06 -5.59 -12.23
C ALA G 37 0.63 -6.89 -12.64
N ALA G 38 -0.12 -7.95 -12.96
CA ALA G 38 0.47 -9.22 -13.37
C ALA G 38 -0.58 -10.02 -14.15
N THR G 39 -0.09 -10.81 -15.11
CA THR G 39 -0.94 -11.69 -15.90
C THR G 39 -0.25 -13.04 -16.01
N PHE G 40 -0.99 -14.11 -15.74
CA PHE G 40 -0.47 -15.45 -15.83
C PHE G 40 -1.35 -16.20 -16.81
N SER G 41 -0.78 -17.15 -17.54
N SER G 41 -0.72 -17.14 -17.52
CA SER G 41 -1.57 -18.00 -18.40
CA SER G 41 -1.31 -17.98 -18.55
C SER G 41 -0.86 -19.34 -18.61
C SER G 41 -0.78 -19.39 -18.39
N GLY G 42 -1.65 -20.41 -18.52
CA GLY G 42 -1.16 -21.77 -18.60
C GLY G 42 -2.32 -22.75 -18.68
N GLN G 43 -1.96 -24.01 -18.81
CA GLN G 43 -2.91 -25.09 -19.04
C GLN G 43 -2.44 -26.34 -18.32
N SER G 44 -3.24 -26.78 -17.35
CA SER G 44 -2.98 -28.01 -16.62
C SER G 44 -4.30 -28.58 -16.10
N THR G 45 -4.42 -29.92 -16.10
CA THR G 45 -5.45 -30.61 -15.35
C THR G 45 -4.90 -31.21 -14.06
N ASN G 46 -3.69 -30.81 -13.60
CA ASN G 46 -3.12 -31.44 -12.43
C ASN G 46 -2.45 -30.42 -11.50
N ASN G 47 -3.01 -29.21 -11.42
CA ASN G 47 -2.67 -28.24 -10.38
C ASN G 47 -1.28 -27.65 -10.57
N ALA G 48 -0.81 -27.61 -11.82
CA ALA G 48 0.49 -26.99 -12.06
C ALA G 48 0.38 -25.50 -11.77
N VAL G 49 1.48 -24.94 -11.26
CA VAL G 49 1.55 -23.52 -11.01
C VAL G 49 1.67 -22.82 -12.36
N ILE G 50 0.76 -21.92 -12.69
CA ILE G 50 0.84 -21.27 -14.00
C ILE G 50 1.42 -19.88 -13.85
N GLY G 51 1.65 -19.45 -12.60
CA GLY G 51 2.31 -18.19 -12.36
C GLY G 51 2.46 -17.93 -10.87
N THR G 52 3.51 -17.22 -10.50
CA THR G 52 3.69 -16.78 -9.13
C THR G 52 4.46 -15.48 -9.23
N GLN G 53 4.09 -14.49 -8.41
CA GLN G 53 4.75 -13.20 -8.45
C GLN G 53 4.66 -12.57 -7.07
N VAL G 54 5.54 -11.59 -6.81
CA VAL G 54 5.40 -10.66 -5.70
C VAL G 54 5.02 -9.29 -6.25
N LEU G 55 4.00 -8.67 -5.65
CA LEU G 55 3.50 -7.35 -6.02
C LEU G 55 3.33 -6.49 -4.78
N ASN G 56 3.09 -5.19 -5.02
CA ASN G 56 2.80 -4.22 -3.97
C ASN G 56 1.33 -3.80 -4.01
N SER G 57 0.70 -3.63 -2.84
CA SER G 57 -0.72 -3.29 -2.75
C SER G 57 -0.99 -1.81 -3.09
N GLY G 58 0.02 -0.94 -2.99
CA GLY G 58 -0.14 0.47 -3.36
C GLY G 58 -1.03 1.23 -2.37
N SER G 59 -1.43 2.47 -2.73
CA SER G 59 -2.01 3.36 -1.72
C SER G 59 -3.43 2.94 -1.31
N SER G 60 -4.24 2.42 -2.25
CA SER G 60 -5.61 1.96 -2.00
C SER G 60 -5.65 0.61 -1.26
N GLY G 61 -4.65 -0.24 -1.50
CA GLY G 61 -4.66 -1.60 -1.04
C GLY G 61 -5.61 -2.50 -1.85
N LYS G 62 -6.21 -2.00 -2.93
CA LYS G 62 -7.26 -2.80 -3.55
C LYS G 62 -6.63 -3.74 -4.57
N VAL G 63 -6.81 -5.05 -4.37
CA VAL G 63 -6.33 -6.07 -5.26
C VAL G 63 -7.52 -6.84 -5.81
N GLN G 64 -7.52 -7.06 -7.12
CA GLN G 64 -8.61 -7.78 -7.75
C GLN G 64 -8.04 -8.87 -8.65
N VAL G 65 -8.67 -10.05 -8.58
CA VAL G 65 -8.27 -11.17 -9.41
C VAL G 65 -9.39 -11.40 -10.42
N GLN G 66 -9.00 -11.51 -11.70
CA GLN G 66 -9.94 -11.86 -12.74
C GLN G 66 -9.44 -13.11 -13.43
N VAL G 67 -10.36 -13.99 -13.81
CA VAL G 67 -9.99 -15.20 -14.52
C VAL G 67 -10.83 -15.30 -15.78
N SER G 68 -10.17 -15.65 -16.90
CA SER G 68 -10.92 -15.94 -18.11
C SER G 68 -10.28 -17.06 -18.89
N VAL G 69 -11.10 -17.63 -19.76
CA VAL G 69 -10.70 -18.69 -20.66
C VAL G 69 -11.13 -18.27 -22.06
N ASN G 70 -10.15 -17.99 -22.94
CA ASN G 70 -10.39 -17.49 -24.29
C ASN G 70 -11.27 -16.24 -24.23
N GLY G 71 -10.99 -15.36 -23.27
CA GLY G 71 -11.68 -14.08 -23.14
C GLY G 71 -12.96 -14.13 -22.30
N ARG G 72 -13.54 -15.31 -22.14
CA ARG G 72 -14.77 -15.47 -21.38
C ARG G 72 -14.48 -15.39 -19.88
N PRO G 73 -15.06 -14.44 -19.12
CA PRO G 73 -14.83 -14.39 -17.66
C PRO G 73 -15.39 -15.62 -16.96
N SER G 74 -14.57 -16.22 -16.11
CA SER G 74 -15.00 -17.39 -15.34
C SER G 74 -15.79 -16.88 -14.13
N ASP G 75 -16.67 -17.71 -13.60
CA ASP G 75 -17.40 -17.38 -12.38
C ASP G 75 -16.49 -17.60 -11.17
N LEU G 76 -16.45 -16.64 -10.25
CA LEU G 76 -15.45 -16.63 -9.19
C LEU G 76 -16.10 -16.90 -7.85
N VAL G 77 -15.31 -17.49 -6.93
CA VAL G 77 -15.67 -17.57 -5.52
C VAL G 77 -14.42 -17.19 -4.73
N SER G 78 -14.61 -16.54 -3.58
CA SER G 78 -13.44 -16.04 -2.88
C SER G 78 -13.71 -15.83 -1.41
N ALA G 79 -12.64 -15.78 -0.61
CA ALA G 79 -12.76 -15.32 0.75
C ALA G 79 -11.36 -14.99 1.25
N GLN G 80 -11.33 -14.28 2.38
CA GLN G 80 -10.05 -13.98 3.03
C GLN G 80 -10.09 -14.58 4.43
N VAL G 81 -8.95 -15.14 4.84
N VAL G 81 -8.97 -15.19 4.85
CA VAL G 81 -8.78 -15.77 6.12
CA VAL G 81 -8.88 -15.72 6.20
C VAL G 81 -7.56 -15.16 6.80
C VAL G 81 -7.57 -15.26 6.82
N ILE G 82 -7.67 -14.93 8.11
CA ILE G 82 -6.57 -14.37 8.90
C ILE G 82 -6.35 -15.32 10.05
N LEU G 83 -5.11 -15.82 10.17
CA LEU G 83 -4.69 -16.68 11.26
C LEU G 83 -3.79 -15.90 12.19
N THR G 84 -3.97 -16.17 13.50
CA THR G 84 -3.27 -15.56 14.62
C THR G 84 -3.18 -14.05 14.47
N ASN G 85 -4.24 -13.45 13.88
CA ASN G 85 -4.33 -12.00 13.74
C ASN G 85 -3.17 -11.41 12.94
N GLU G 86 -2.58 -12.19 12.03
CA GLU G 86 -1.28 -11.81 11.47
C GLU G 86 -1.12 -12.30 10.04
N LEU G 87 -1.38 -13.59 9.84
CA LEU G 87 -1.12 -14.25 8.58
C LEU G 87 -2.39 -14.23 7.75
N ASN G 88 -2.33 -13.61 6.56
CA ASN G 88 -3.49 -13.43 5.71
C ASN G 88 -3.42 -14.25 4.43
N PHE G 89 -4.54 -14.87 4.11
CA PHE G 89 -4.75 -15.51 2.84
C PHE G 89 -5.98 -14.95 2.14
N ALA G 90 -5.84 -14.65 0.87
CA ALA G 90 -6.99 -14.32 0.03
C ALA G 90 -7.07 -15.40 -1.05
N LEU G 91 -8.23 -16.02 -1.15
CA LEU G 91 -8.38 -17.27 -1.86
C LEU G 91 -9.44 -17.08 -2.93
N VAL G 92 -9.15 -17.60 -4.15
CA VAL G 92 -10.06 -17.50 -5.28
C VAL G 92 -10.14 -18.86 -5.95
N GLY G 93 -11.37 -19.27 -6.23
CA GLY G 93 -11.60 -20.35 -7.15
C GLY G 93 -12.39 -19.84 -8.34
N SER G 94 -12.40 -20.60 -9.42
CA SER G 94 -13.08 -20.12 -10.62
C SER G 94 -13.64 -21.32 -11.39
N GLU G 95 -14.77 -21.09 -12.07
CA GLU G 95 -15.41 -22.15 -12.84
C GLU G 95 -15.58 -21.68 -14.30
N ASP G 96 -15.14 -22.52 -15.24
CA ASP G 96 -15.13 -22.17 -16.66
C ASP G 96 -16.19 -22.94 -17.44
N GLY G 97 -16.96 -23.78 -16.75
CA GLY G 97 -17.80 -24.76 -17.42
C GLY G 97 -19.06 -25.00 -16.60
N THR G 98 -19.51 -26.26 -16.58
CA THR G 98 -20.77 -26.65 -15.95
C THR G 98 -20.58 -27.57 -14.74
N ASP G 99 -19.39 -28.14 -14.51
CA ASP G 99 -19.26 -29.21 -13.51
C ASP G 99 -19.23 -28.66 -12.08
N ASN G 100 -18.96 -27.35 -11.96
CA ASN G 100 -18.91 -26.63 -10.69
C ASN G 100 -17.88 -27.19 -9.71
N ASP G 101 -16.70 -27.56 -10.18
CA ASP G 101 -15.63 -27.92 -9.25
C ASP G 101 -14.89 -26.68 -8.75
N TYR G 102 -15.02 -25.55 -9.46
CA TYR G 102 -14.47 -24.25 -9.04
C TYR G 102 -12.96 -24.30 -8.81
N ASN G 103 -12.26 -25.23 -9.46
CA ASN G 103 -10.81 -25.39 -9.33
C ASN G 103 -10.09 -25.06 -10.64
N ASP G 104 -10.83 -24.53 -11.63
CA ASP G 104 -10.31 -24.45 -13.00
C ASP G 104 -9.07 -23.56 -13.04
N ALA G 105 -9.17 -22.40 -12.39
CA ALA G 105 -7.98 -21.75 -11.87
C ALA G 105 -8.20 -21.43 -10.39
N VAL G 106 -7.13 -21.63 -9.61
CA VAL G 106 -7.15 -21.39 -8.18
C VAL G 106 -6.03 -20.40 -7.92
N VAL G 107 -6.38 -19.34 -7.19
CA VAL G 107 -5.44 -18.25 -6.96
C VAL G 107 -5.34 -18.08 -5.46
N VAL G 108 -4.10 -17.97 -4.99
CA VAL G 108 -3.86 -17.75 -3.58
C VAL G 108 -2.93 -16.53 -3.46
N ILE G 109 -3.40 -15.58 -2.66
CA ILE G 109 -2.64 -14.41 -2.27
C ILE G 109 -2.32 -14.54 -0.79
N ASN G 110 -1.09 -14.23 -0.41
CA ASN G 110 -0.70 -14.34 0.98
C ASN G 110 0.12 -13.11 1.35
N TRP G 111 0.02 -12.69 2.60
CA TRP G 111 0.84 -11.61 3.13
C TRP G 111 0.80 -11.74 4.64
N PRO G 112 1.77 -11.20 5.41
CA PRO G 112 2.93 -10.50 4.86
C PRO G 112 4.03 -11.41 4.36
N LEU G 113 4.98 -10.81 3.66
CA LEU G 113 6.17 -11.46 3.15
C LEU G 113 7.38 -11.03 3.99
N GLY G 114 8.52 -11.70 3.79
CA GLY G 114 9.78 -11.26 4.39
C GLY G 114 10.11 -11.96 5.69
N ALA H 1 -3.85 -25.93 20.97
CA ALA H 1 -4.53 -26.93 20.12
C ALA H 1 -3.61 -27.43 19.03
N THR H 2 -3.81 -28.66 18.58
CA THR H 2 -3.05 -29.21 17.48
C THR H 2 -3.30 -28.35 16.24
N GLN H 3 -2.23 -28.10 15.49
CA GLN H 3 -2.30 -27.35 14.25
C GLN H 3 -1.59 -28.17 13.17
N GLY H 4 -1.98 -27.96 11.92
CA GLY H 4 -1.31 -28.54 10.77
C GLY H 4 -1.80 -29.94 10.46
N VAL H 5 -2.93 -30.37 11.04
CA VAL H 5 -3.51 -31.69 10.76
C VAL H 5 -4.89 -31.56 10.14
N PHE H 6 -5.14 -32.29 9.06
CA PHE H 6 -6.38 -32.14 8.33
C PHE H 6 -6.88 -33.53 7.94
N THR H 7 -8.19 -33.74 8.06
CA THR H 7 -8.82 -34.93 7.53
C THR H 7 -9.36 -34.59 6.15
N LEU H 8 -8.79 -35.23 5.13
CA LEU H 8 -9.27 -35.10 3.77
C LEU H 8 -10.24 -36.24 3.51
N PRO H 9 -11.09 -36.15 2.47
CA PRO H 9 -11.81 -37.32 1.97
C PRO H 9 -10.78 -38.36 1.53
N ALA H 10 -11.15 -39.62 1.75
CA ALA H 10 -10.28 -40.75 1.51
C ALA H 10 -9.97 -40.87 0.03
N ASN H 11 -8.76 -41.36 -0.27
CA ASN H 11 -8.33 -41.71 -1.62
C ASN H 11 -8.58 -40.56 -2.57
N THR H 12 -8.14 -39.35 -2.20
CA THR H 12 -8.40 -38.14 -2.98
C THR H 12 -7.06 -37.46 -3.22
N ARG H 13 -6.84 -37.04 -4.48
CA ARG H 13 -5.64 -36.29 -4.80
C ARG H 13 -5.76 -34.85 -4.33
N PHE H 14 -4.64 -34.30 -3.87
CA PHE H 14 -4.58 -32.91 -3.44
C PHE H 14 -3.21 -32.35 -3.81
N GLY H 15 -3.20 -31.04 -4.01
CA GLY H 15 -2.01 -30.25 -4.24
C GLY H 15 -1.46 -29.76 -2.92
N VAL H 16 -0.14 -29.77 -2.80
CA VAL H 16 0.52 -29.10 -1.70
C VAL H 16 1.65 -28.25 -2.28
N THR H 17 1.70 -27.02 -1.82
CA THR H 17 2.70 -26.04 -2.23
C THR H 17 3.21 -25.31 -0.99
N ALA H 18 4.53 -25.06 -0.95
CA ALA H 18 5.15 -24.34 0.16
C ALA H 18 5.92 -23.13 -0.32
N PHE H 19 5.88 -22.06 0.50
CA PHE H 19 6.56 -20.80 0.21
C PHE H 19 7.41 -20.44 1.42
N ALA H 20 8.48 -19.67 1.22
CA ALA H 20 9.39 -19.37 2.31
C ALA H 20 9.56 -17.85 2.43
N ASN H 21 9.64 -17.38 3.69
CA ASN H 21 9.78 -15.97 4.01
C ASN H 21 10.63 -15.85 5.28
N SER H 22 11.91 -16.20 5.16
CA SER H 22 12.80 -16.21 6.31
C SER H 22 14.24 -16.22 5.81
N SER H 23 15.16 -15.87 6.69
CA SER H 23 16.56 -15.97 6.33
C SER H 23 17.06 -17.40 6.55
N GLY H 24 16.33 -18.20 7.33
CA GLY H 24 16.70 -19.58 7.59
C GLY H 24 16.08 -20.51 6.55
N THR H 25 16.83 -21.57 6.18
CA THR H 25 16.31 -22.64 5.34
C THR H 25 15.12 -23.33 6.01
N GLN H 26 14.04 -23.51 5.26
CA GLN H 26 12.82 -24.10 5.79
C GLN H 26 12.73 -25.51 5.27
N THR H 27 12.41 -26.47 6.15
CA THR H 27 12.15 -27.84 5.73
C THR H 27 10.70 -28.17 6.02
N VAL H 28 9.97 -28.57 4.97
CA VAL H 28 8.56 -28.86 5.10
C VAL H 28 8.35 -30.35 4.81
N ASN H 29 7.73 -31.06 5.76
CA ASN H 29 7.35 -32.43 5.55
C ASN H 29 5.84 -32.57 5.48
N VAL H 30 5.36 -33.39 4.57
CA VAL H 30 3.93 -33.68 4.51
C VAL H 30 3.75 -35.16 4.78
N LEU H 31 2.98 -35.48 5.83
CA LEU H 31 2.70 -36.85 6.24
C LEU H 31 1.31 -37.21 5.75
N VAL H 32 1.18 -38.42 5.25
CA VAL H 32 -0.12 -39.00 4.94
C VAL H 32 -0.24 -40.32 5.70
N ASN H 33 -1.27 -40.44 6.53
CA ASN H 33 -1.44 -41.60 7.41
C ASN H 33 -0.15 -41.81 8.21
N ASN H 34 0.48 -40.71 8.66
CA ASN H 34 1.61 -40.71 9.57
C ASN H 34 2.91 -41.13 8.88
N GLU H 35 2.90 -41.34 7.56
CA GLU H 35 4.10 -41.67 6.82
C GLU H 35 4.46 -40.49 5.91
N THR H 36 5.76 -40.17 5.82
CA THR H 36 6.23 -39.05 5.01
C THR H 36 5.91 -39.28 3.54
N ALA H 37 5.25 -38.32 2.89
CA ALA H 37 4.85 -38.45 1.51
C ALA H 37 5.56 -37.41 0.65
N ALA H 38 6.05 -36.32 1.26
CA ALA H 38 6.79 -35.34 0.50
C ALA H 38 7.64 -34.54 1.47
N THR H 39 8.77 -34.05 0.96
CA THR H 39 9.65 -33.17 1.70
C THR H 39 10.14 -32.04 0.80
N PHE H 40 10.04 -30.79 1.27
CA PHE H 40 10.50 -29.64 0.53
C PHE H 40 11.56 -28.94 1.37
N SER H 41 12.51 -28.26 0.73
CA SER H 41 13.52 -27.49 1.46
C SER H 41 13.98 -26.30 0.61
N GLY H 42 14.20 -25.14 1.24
CA GLY H 42 14.57 -23.94 0.50
C GLY H 42 14.64 -22.73 1.41
N GLN H 43 15.17 -21.63 0.87
CA GLN H 43 15.31 -20.40 1.61
C GLN H 43 14.98 -19.25 0.67
N SER H 44 14.17 -18.31 1.17
CA SER H 44 13.77 -17.11 0.45
C SER H 44 13.24 -16.09 1.44
N THR H 45 13.48 -14.78 1.21
CA THR H 45 12.74 -13.72 1.89
C THR H 45 11.73 -13.11 0.94
N ASN H 46 11.44 -13.76 -0.19
CA ASN H 46 10.56 -13.18 -1.17
C ASN H 46 9.47 -14.14 -1.61
N ASN H 47 9.02 -15.00 -0.68
CA ASN H 47 7.86 -15.88 -0.91
C ASN H 47 8.14 -16.89 -2.03
N ALA H 48 9.41 -17.31 -2.23
CA ALA H 48 9.67 -18.26 -3.30
C ALA H 48 8.95 -19.59 -3.01
N VAL H 49 8.41 -20.23 -4.07
CA VAL H 49 7.92 -21.58 -3.93
C VAL H 49 9.13 -22.47 -3.72
N ILE H 50 9.16 -23.19 -2.61
CA ILE H 50 10.24 -24.10 -2.33
C ILE H 50 9.79 -25.54 -2.63
N GLY H 51 8.51 -25.76 -2.97
CA GLY H 51 8.11 -27.06 -3.50
C GLY H 51 6.64 -27.09 -3.84
N THR H 52 6.26 -27.97 -4.77
CA THR H 52 4.86 -28.19 -5.08
C THR H 52 4.72 -29.63 -5.53
N GLN H 53 3.70 -30.34 -5.04
CA GLN H 53 3.48 -31.71 -5.45
C GLN H 53 1.99 -32.04 -5.44
N VAL H 54 1.63 -33.11 -6.12
CA VAL H 54 0.33 -33.74 -6.01
C VAL H 54 0.48 -35.05 -5.26
N LEU H 55 -0.36 -35.27 -4.23
CA LEU H 55 -0.31 -36.46 -3.39
C LEU H 55 -1.69 -37.11 -3.37
N ASN H 56 -1.76 -38.30 -2.76
CA ASN H 56 -3.03 -38.98 -2.50
C ASN H 56 -3.27 -39.04 -0.99
N SER H 57 -4.51 -38.76 -0.57
CA SER H 57 -4.87 -38.76 0.84
C SER H 57 -4.89 -40.19 1.43
N GLY H 58 -5.04 -41.20 0.57
CA GLY H 58 -5.01 -42.60 0.99
C GLY H 58 -6.30 -43.01 1.71
N SER H 59 -6.29 -44.19 2.35
CA SER H 59 -7.48 -44.74 2.97
C SER H 59 -7.90 -43.95 4.23
N SER H 60 -6.94 -43.34 4.94
CA SER H 60 -7.20 -42.68 6.21
C SER H 60 -7.67 -41.24 5.99
N GLY H 61 -7.16 -40.61 4.93
CA GLY H 61 -7.40 -39.21 4.66
C GLY H 61 -6.65 -38.28 5.61
N LYS H 62 -5.84 -38.83 6.52
CA LYS H 62 -5.14 -37.99 7.49
C LYS H 62 -3.87 -37.37 6.90
N VAL H 63 -3.83 -36.04 6.84
CA VAL H 63 -2.70 -35.32 6.27
C VAL H 63 -2.13 -34.39 7.33
N GLN H 64 -0.80 -34.40 7.52
CA GLN H 64 -0.16 -33.54 8.49
C GLN H 64 1.02 -32.84 7.84
N VAL H 65 1.15 -31.55 8.12
CA VAL H 65 2.26 -30.70 7.70
C VAL H 65 3.13 -30.44 8.92
N GLN H 66 4.43 -30.70 8.78
CA GLN H 66 5.43 -30.33 9.79
C GLN H 66 6.44 -29.41 9.14
N VAL H 67 6.94 -28.43 9.90
CA VAL H 67 7.95 -27.51 9.41
C VAL H 67 9.06 -27.42 10.45
N SER H 68 10.32 -27.41 9.99
CA SER H 68 11.43 -27.21 10.90
C SER H 68 12.53 -26.38 10.24
N VAL H 69 13.33 -25.72 11.09
CA VAL H 69 14.45 -24.88 10.68
C VAL H 69 15.67 -25.31 11.51
N ASN H 70 16.72 -25.77 10.83
CA ASN H 70 17.91 -26.28 11.50
C ASN H 70 17.53 -27.44 12.42
N GLY H 71 16.48 -28.20 12.06
CA GLY H 71 16.04 -29.30 12.89
C GLY H 71 15.19 -28.89 14.11
N ARG H 72 14.92 -27.60 14.35
CA ARG H 72 14.04 -27.14 15.42
C ARG H 72 12.61 -27.00 14.87
N PRO H 73 11.58 -27.64 15.46
CA PRO H 73 10.22 -27.51 14.91
C PRO H 73 9.68 -26.09 15.04
N SER H 74 8.99 -25.65 13.97
CA SER H 74 8.31 -24.37 14.00
C SER H 74 6.92 -24.48 14.65
N ASP H 75 6.48 -23.41 15.30
CA ASP H 75 5.11 -23.30 15.80
C ASP H 75 4.20 -23.13 14.57
N LEU H 76 3.07 -23.83 14.54
CA LEU H 76 2.22 -23.80 13.36
C LEU H 76 0.89 -23.12 13.68
N VAL H 77 0.27 -22.48 12.65
CA VAL H 77 -1.11 -22.08 12.71
C VAL H 77 -1.80 -22.63 11.47
N SER H 78 -3.08 -23.00 11.58
CA SER H 78 -3.75 -23.60 10.43
C SER H 78 -5.26 -23.38 10.48
N ALA H 79 -5.89 -23.66 9.35
CA ALA H 79 -7.35 -23.75 9.26
C ALA H 79 -7.69 -24.39 7.92
N GLN H 80 -8.92 -24.85 7.79
CA GLN H 80 -9.45 -25.29 6.52
C GLN H 80 -10.61 -24.37 6.16
N VAL H 81 -10.65 -23.98 4.87
CA VAL H 81 -11.74 -23.17 4.33
C VAL H 81 -12.34 -23.89 3.12
N ILE H 82 -13.68 -23.84 3.01
CA ILE H 82 -14.42 -24.48 1.91
C ILE H 82 -15.31 -23.40 1.27
N LEU H 83 -15.14 -23.20 -0.05
CA LEU H 83 -15.91 -22.25 -0.83
C LEU H 83 -16.89 -23.00 -1.73
N THR H 84 -18.12 -22.46 -1.80
CA THR H 84 -19.26 -22.98 -2.56
C THR H 84 -19.41 -24.49 -2.34
N ASN H 85 -19.15 -24.91 -1.10
CA ASN H 85 -19.38 -26.27 -0.66
C ASN H 85 -18.61 -27.28 -1.53
N GLU H 86 -17.43 -26.91 -2.04
CA GLU H 86 -16.78 -27.73 -3.05
C GLU H 86 -15.24 -27.59 -3.03
N LEU H 87 -14.78 -26.35 -3.01
CA LEU H 87 -13.37 -26.07 -3.16
C LEU H 87 -12.73 -25.94 -1.78
N ASN H 88 -11.69 -26.72 -1.53
CA ASN H 88 -11.17 -26.87 -0.19
C ASN H 88 -9.75 -26.33 -0.16
N PHE H 89 -9.45 -25.53 0.86
CA PHE H 89 -8.09 -25.13 1.16
C PHE H 89 -7.76 -25.51 2.58
N ALA H 90 -6.58 -26.09 2.76
CA ALA H 90 -6.04 -26.29 4.08
C ALA H 90 -4.77 -25.45 4.14
N LEU H 91 -4.65 -24.60 5.17
CA LEU H 91 -3.68 -23.52 5.14
C LEU H 91 -2.82 -23.61 6.38
N VAL H 92 -1.51 -23.41 6.24
CA VAL H 92 -0.59 -23.50 7.37
C VAL H 92 0.40 -22.36 7.24
N GLY H 93 0.60 -21.64 8.35
CA GLY H 93 1.74 -20.79 8.53
C GLY H 93 2.62 -21.36 9.66
N SER H 94 3.88 -20.89 9.70
CA SER H 94 4.83 -21.38 10.66
C SER H 94 5.76 -20.26 11.06
N GLU H 95 6.22 -20.32 12.30
CA GLU H 95 7.11 -19.31 12.86
C GLU H 95 8.37 -20.01 13.36
N ASP H 96 9.53 -19.54 12.91
CA ASP H 96 10.80 -20.15 13.25
C ASP H 96 11.53 -19.34 14.33
N GLY H 97 11.00 -18.19 14.69
CA GLY H 97 11.77 -17.26 15.52
C GLY H 97 10.86 -16.60 16.53
N THR H 98 11.07 -15.30 16.73
CA THR H 98 10.43 -14.54 17.80
C THR H 98 9.61 -13.39 17.24
N ASP H 99 9.58 -13.13 15.92
CA ASP H 99 8.89 -11.94 15.43
C ASP H 99 7.37 -12.17 15.24
N ASN H 100 6.97 -13.43 15.18
CA ASN H 100 5.57 -13.85 15.14
C ASN H 100 4.88 -13.37 13.88
N ASP H 101 5.57 -13.45 12.73
CA ASP H 101 4.93 -13.12 11.48
C ASP H 101 4.24 -14.36 10.91
N TYR H 102 4.64 -15.56 11.36
CA TYR H 102 4.05 -16.85 10.98
C TYR H 102 4.01 -17.09 9.46
N ASN H 103 4.96 -16.49 8.74
CA ASN H 103 5.06 -16.63 7.29
C ASN H 103 6.36 -17.33 6.91
N ASP H 104 7.10 -17.86 7.89
CA ASP H 104 8.47 -18.30 7.62
C ASP H 104 8.47 -19.47 6.66
N ALA H 105 7.53 -20.41 6.87
CA ALA H 105 7.06 -21.31 5.81
C ALA H 105 5.53 -21.19 5.77
N VAL H 106 4.98 -21.12 4.56
CA VAL H 106 3.52 -21.12 4.37
C VAL H 106 3.22 -22.31 3.46
N VAL H 107 2.23 -23.11 3.83
CA VAL H 107 1.84 -24.26 3.06
C VAL H 107 0.36 -24.15 2.73
N VAL H 108 0.06 -24.42 1.46
CA VAL H 108 -1.31 -24.43 0.96
C VAL H 108 -1.58 -25.81 0.36
N ILE H 109 -2.66 -26.43 0.84
CA ILE H 109 -3.18 -27.67 0.32
C ILE H 109 -4.52 -27.34 -0.33
N ASN H 110 -4.79 -27.87 -1.54
CA ASN H 110 -6.06 -27.61 -2.19
C ASN H 110 -6.57 -28.90 -2.81
N TRP H 111 -7.89 -29.09 -2.75
CA TRP H 111 -8.54 -30.16 -3.48
C TRP H 111 -9.97 -29.72 -3.77
N PRO H 112 -10.71 -30.36 -4.71
CA PRO H 112 -10.15 -31.41 -5.57
C PRO H 112 -9.34 -30.82 -6.73
N LEU H 113 -8.69 -31.74 -7.46
CA LEU H 113 -7.88 -31.44 -8.62
C LEU H 113 -8.58 -31.96 -9.87
N GLY H 114 -8.10 -31.60 -11.07
CA GLY H 114 -8.62 -32.17 -12.30
C GLY H 114 -9.63 -31.27 -13.01
#